data_3DZY
#
_entry.id   3DZY
#
_cell.length_a   63.803
_cell.length_b   146.514
_cell.length_c   67.223
_cell.angle_alpha   90.000
_cell.angle_beta   115.590
_cell.angle_gamma   90.000
#
_symmetry.space_group_name_H-M   'P 1 21 1'
#
loop_
_entity.id
_entity.type
_entity.pdbx_description
1 polymer 'Retinoic acid receptor RXR-alpha'
2 polymer 'Peroxisome proliferator-activated receptor gamma'
3 polymer "DNA (5'-D(*DCP*DAP*DAP*DAP*DCP*DTP*DAP*DGP*DGP*DTP*DCP*DAP*DAP*DAP*DGP*DGP*DTP*DCP*DAP*DG)-3')"
4 polymer "DNA (5'-D(*DCP*DTP*DGP*DAP*DCP*DCP*DTP*DTP*DTP*DGP*DAP*DCP*DCP*DTP*DAP*DGP*DTP*DTP*DTP*DG)-3')"
5 polymer 'NCOA2 Peptide'
6 non-polymer '(9cis)-retinoic acid'
7 non-polymer 'ZINC ION'
8 non-polymer '2,4-THIAZOLIDIINEDIONE, 5-[[4-[2-(METHYL-2-PYRIDINYLAMINO)ETHOXY]PHENYL]METHYL]-(9CL)'
#
loop_
_entity_poly.entity_id
_entity_poly.type
_entity_poly.pdbx_seq_one_letter_code
_entity_poly.pdbx_strand_id
1 'polypeptide(L)'
;MAHHHHHHVDDDDKMFSTQVNSSLTSPTGRGSMAAPSLHPSLGPGIGSPGQLHSPISTLSSPINGMGPPFSVISSPMGPH
SMSVPTTPTLGFSTGSPQLSSPMNPVSSSEDIKPPLGLNGVLKVPAHPSGNMASFTKHICAICGDRSSGKHYGVYSCEGC
KGFFKRTVRKDLTYTCRDNKDCLIDKRQRNRCQYCRYQKCLAMGMKREAVQEERQRGKDRNENEVESTSSANEDMPVERI
LEAELAVEPKTETYVEANMGLNPSSPNDPVTNICQAADKQLFTLVEWAKRIPHFSELPLDDQVILLRAGWNELLIASFSH
RSIAVKDGILLATGLHVHRNSAHSAGVGAIFDRVLTELVSKMRDMQMDKTELGCLRAIVLFNPDSKGLSNPAEVEALREK
VYASLEAYCKHKYPEQPGRFAKLLLRLPALRSIGLKCLEHLFFFKLIGDTPIDTFLMEMLEAPHQMT
;
A
2 'polypeptide(L)'
;MAHHHHHHVDDDDKMYQSAIKVEPASPPYYSEKTQLYNKPHEEPSNSLMAIECRVCGDKASGFHYGVHACEGCKGFFRRT
IRLKLIYDRCDLNCRIHKKSRNKCQYCRFQKCLAVGMSHNAIRFGRMPQAEKEKLLAEISSDIDQLNPESADLRALAKHL
YDSYIKSFPLTKAKARAILTGKTTDKSPFVIYDMNSLMMGEDKIKFKHITPLQEQSKEVAIRIFQGCQFRSVEAVQEITE
YAKSIPGFVNLDLNDQVTLLKYGVHEIIYTMLASLMNKDGVLISEGQGFMTREFLKSLRKPFGDFMEPKFEFAVKFNALE
LDDSDLAIFIAVIILSGDRPGLLNVKPIEDIQDNLLQALELQLKLNHPESSQLFAKLLQKMTDLRQIVTEHVQLLQVIKK
TETDMSLHPLLQEIYKDLY
;
D
3 'polydeoxyribonucleotide' (DC)(DA)(DA)(DA)(DC)(DT)(DA)(DG)(DG)(DT)(DC)(DA)(DA)(DA)(DG)(DG)(DT)(DC)(DA)(DG) C
4 'polydeoxyribonucleotide' (DC)(DT)(DG)(DA)(DC)(DC)(DT)(DT)(DT)(DG)(DA)(DC)(DC)(DT)(DA)(DG)(DT)(DT)(DT)(DG) F
5 'polypeptide(L)' EKHKILHRLLQDS G,E
#
loop_
_chem_comp.id
_chem_comp.type
_chem_comp.name
_chem_comp.formula
9CR non-polymer '(9cis)-retinoic acid' 'C20 H28 O2'
BRL non-polymer '2,4-THIAZOLIDIINEDIONE, 5-[[4-[2-(METHYL-2-PYRIDINYLAMINO)ETHOXY]PHENYL]METHYL]-(9CL)' 'C18 H19 N3 O3 S'
DA DNA linking 2'-DEOXYADENOSINE-5'-MONOPHOSPHATE 'C10 H14 N5 O6 P'
DC DNA linking 2'-DEOXYCYTIDINE-5'-MONOPHOSPHATE 'C9 H14 N3 O7 P'
DG DNA linking 2'-DEOXYGUANOSINE-5'-MONOPHOSPHATE 'C10 H14 N5 O7 P'
DT DNA linking THYMIDINE-5'-MONOPHOSPHATE 'C10 H15 N2 O8 P'
ZN non-polymer 'ZINC ION' 'Zn 2'
#
# COMPACT_ATOMS: atom_id res chain seq x y z
N LYS A 137 -17.77 -16.67 -36.43
CA LYS A 137 -18.83 -15.82 -35.82
C LYS A 137 -18.43 -14.35 -35.95
N HIS A 138 -17.26 -14.01 -35.40
CA HIS A 138 -16.74 -12.65 -35.43
C HIS A 138 -15.26 -12.59 -35.80
N ILE A 139 -14.73 -11.38 -35.82
CA ILE A 139 -13.34 -11.14 -36.14
C ILE A 139 -12.60 -10.67 -34.89
N CYS A 140 -11.47 -11.32 -34.59
CA CYS A 140 -10.67 -10.95 -33.44
C CYS A 140 -10.19 -9.51 -33.60
N ALA A 141 -10.53 -8.68 -32.62
CA ALA A 141 -10.17 -7.27 -32.63
C ALA A 141 -8.70 -7.02 -32.45
N ILE A 142 -7.94 -8.06 -32.14
CA ILE A 142 -6.51 -7.89 -31.93
C ILE A 142 -5.70 -8.19 -33.19
N CYS A 143 -5.93 -9.35 -33.82
CA CYS A 143 -5.15 -9.70 -35.02
C CYS A 143 -5.89 -9.82 -36.37
N GLY A 144 -7.21 -9.98 -36.36
CA GLY A 144 -7.95 -10.09 -37.60
C GLY A 144 -8.45 -11.49 -37.88
N ASP A 145 -7.80 -12.46 -37.25
CA ASP A 145 -8.12 -13.87 -37.37
C ASP A 145 -9.58 -14.06 -36.96
N ARG A 146 -10.08 -15.30 -37.05
CA ARG A 146 -11.45 -15.58 -36.68
C ARG A 146 -11.55 -15.75 -35.17
N SER A 147 -12.46 -14.97 -34.58
CA SER A 147 -12.68 -15.00 -33.14
C SER A 147 -13.66 -16.09 -32.68
N SER A 148 -13.24 -16.88 -31.69
CA SER A 148 -14.08 -17.95 -31.16
C SER A 148 -15.01 -17.49 -30.05
N GLY A 149 -15.34 -16.19 -30.07
CA GLY A 149 -16.23 -15.63 -29.07
C GLY A 149 -15.60 -14.48 -28.30
N LYS A 150 -16.06 -14.27 -27.08
CA LYS A 150 -15.53 -13.22 -26.23
C LYS A 150 -14.56 -13.80 -25.22
N HIS A 151 -13.52 -13.03 -24.91
CA HIS A 151 -12.52 -13.45 -23.94
C HIS A 151 -11.97 -12.23 -23.23
N TYR A 152 -12.21 -12.15 -21.93
CA TYR A 152 -11.76 -11.04 -21.09
C TYR A 152 -12.31 -9.69 -21.51
N GLY A 153 -13.43 -9.67 -22.23
CA GLY A 153 -14.01 -8.40 -22.63
C GLY A 153 -13.99 -8.08 -24.11
N VAL A 154 -13.07 -8.69 -24.86
CA VAL A 154 -13.00 -8.44 -26.29
C VAL A 154 -13.13 -9.73 -27.10
N TYR A 155 -13.45 -9.53 -28.37
CA TYR A 155 -13.57 -10.62 -29.32
C TYR A 155 -12.15 -10.96 -29.72
N SER A 156 -11.63 -12.04 -29.16
CA SER A 156 -10.28 -12.44 -29.44
C SER A 156 -10.26 -13.82 -30.05
N CYS A 157 -9.19 -14.10 -30.77
CA CYS A 157 -9.03 -15.40 -31.37
C CYS A 157 -8.46 -16.27 -30.22
N GLU A 158 -8.60 -17.59 -30.33
CA GLU A 158 -8.08 -18.46 -29.30
C GLU A 158 -6.60 -18.22 -29.01
N GLY A 159 -5.86 -17.80 -30.03
CA GLY A 159 -4.44 -17.56 -29.83
C GLY A 159 -4.24 -16.41 -28.87
N CYS A 160 -4.71 -15.23 -29.27
CA CYS A 160 -4.57 -14.04 -28.45
C CYS A 160 -5.10 -14.25 -27.03
N LYS A 161 -6.19 -14.98 -26.88
CA LYS A 161 -6.74 -15.24 -25.55
C LYS A 161 -5.67 -15.90 -24.68
N GLY A 162 -4.93 -16.85 -25.26
CA GLY A 162 -3.91 -17.56 -24.51
C GLY A 162 -2.70 -16.71 -24.22
N PHE A 163 -2.41 -15.79 -25.12
CA PHE A 163 -1.26 -14.90 -24.95
C PHE A 163 -1.52 -13.99 -23.77
N PHE A 164 -2.70 -13.38 -23.76
CA PHE A 164 -3.04 -12.46 -22.70
C PHE A 164 -2.95 -13.16 -21.35
N LYS A 165 -3.60 -14.32 -21.24
CA LYS A 165 -3.61 -15.10 -20.00
C LYS A 165 -2.20 -15.31 -19.51
N ARG A 166 -1.40 -16.05 -20.27
CA ARG A 166 -0.01 -16.32 -19.88
C ARG A 166 0.71 -15.04 -19.46
N THR A 167 0.52 -13.95 -20.20
CA THR A 167 1.20 -12.72 -19.85
C THR A 167 0.80 -12.24 -18.47
N VAL A 168 -0.50 -12.22 -18.21
CA VAL A 168 -0.97 -11.73 -16.93
C VAL A 168 -0.63 -12.66 -15.80
N ARG A 169 -0.82 -13.96 -16.01
CA ARG A 169 -0.56 -14.93 -14.96
C ARG A 169 0.89 -15.01 -14.52
N LYS A 170 1.78 -15.28 -15.47
CA LYS A 170 3.20 -15.37 -15.15
C LYS A 170 3.83 -14.00 -15.05
N ASP A 171 2.99 -12.98 -14.89
CA ASP A 171 3.40 -11.58 -14.76
C ASP A 171 4.68 -11.26 -15.54
N LEU A 172 4.59 -11.28 -16.86
CA LEU A 172 5.74 -11.02 -17.73
C LEU A 172 5.87 -9.58 -18.23
N THR A 173 7.09 -9.18 -18.56
CA THR A 173 7.35 -7.84 -19.08
C THR A 173 8.06 -7.94 -20.43
N TYR A 174 7.39 -7.47 -21.47
CA TYR A 174 7.94 -7.49 -22.81
C TYR A 174 8.55 -6.15 -23.20
N THR A 175 9.51 -6.18 -24.12
CA THR A 175 10.11 -4.94 -24.57
C THR A 175 10.08 -4.90 -26.10
N CYS A 176 9.88 -3.72 -26.67
CA CYS A 176 9.87 -3.67 -28.13
C CYS A 176 11.27 -3.43 -28.71
N ARG A 177 11.52 -3.99 -29.88
CA ARG A 177 12.81 -3.86 -30.54
C ARG A 177 12.75 -2.83 -31.67
N ASP A 178 11.53 -2.50 -32.09
CA ASP A 178 11.33 -1.41 -33.04
C ASP A 178 11.00 -0.10 -32.33
N ASN A 179 9.94 0.56 -32.76
CA ASN A 179 9.44 1.75 -32.08
C ASN A 179 8.05 1.60 -31.47
N LYS A 180 7.75 0.40 -30.98
CA LYS A 180 6.46 0.15 -30.35
C LYS A 180 5.41 0.28 -31.44
N ASP A 181 5.83 0.01 -32.67
CA ASP A 181 4.96 0.14 -33.82
C ASP A 181 4.62 -1.18 -34.50
N CYS A 182 5.37 -2.23 -34.17
CA CYS A 182 5.16 -3.55 -34.74
C CYS A 182 3.70 -3.84 -35.06
N LEU A 183 3.43 -4.24 -36.29
CA LEU A 183 2.08 -4.54 -36.76
C LEU A 183 1.57 -5.91 -36.32
N ILE A 184 0.31 -5.95 -35.93
CA ILE A 184 -0.29 -7.21 -35.49
C ILE A 184 -1.36 -7.70 -36.46
N ASP A 185 -1.06 -8.81 -37.13
CA ASP A 185 -1.96 -9.44 -38.08
C ASP A 185 -1.71 -10.94 -37.95
N LYS A 186 -2.74 -11.74 -38.20
CA LYS A 186 -2.67 -13.19 -38.08
C LYS A 186 -1.36 -13.85 -38.46
N ARG A 187 -0.60 -13.24 -39.36
CA ARG A 187 0.68 -13.81 -39.77
C ARG A 187 1.80 -13.37 -38.81
N GLN A 188 2.02 -12.07 -38.71
CA GLN A 188 3.06 -11.54 -37.85
C GLN A 188 2.54 -10.86 -36.59
N ARG A 189 2.11 -11.66 -35.63
CA ARG A 189 1.61 -11.16 -34.36
C ARG A 189 2.53 -11.75 -33.30
N ASN A 190 3.26 -12.81 -33.65
CA ASN A 190 4.22 -13.39 -32.72
C ASN A 190 5.54 -12.69 -33.01
N ARG A 191 5.51 -11.79 -33.98
CA ARG A 191 6.69 -11.04 -34.38
C ARG A 191 7.22 -10.21 -33.22
N CYS A 192 6.32 -9.77 -32.37
CA CYS A 192 6.69 -8.96 -31.22
C CYS A 192 5.61 -9.04 -30.16
N GLN A 193 6.01 -9.41 -28.95
CA GLN A 193 5.05 -9.53 -27.86
C GLN A 193 4.57 -8.20 -27.27
N TYR A 194 5.51 -7.32 -26.93
CA TYR A 194 5.18 -6.03 -26.36
C TYR A 194 4.05 -5.40 -27.15
N CYS A 195 4.25 -5.27 -28.45
CA CYS A 195 3.25 -4.67 -29.32
C CYS A 195 1.93 -5.40 -29.28
N ARG A 196 2.00 -6.73 -29.23
CA ARG A 196 0.79 -7.53 -29.19
C ARG A 196 0.03 -7.29 -27.90
N TYR A 197 0.72 -7.35 -26.76
CA TYR A 197 0.01 -7.11 -25.51
C TYR A 197 -0.63 -5.70 -25.50
N GLN A 198 0.04 -4.71 -26.09
CA GLN A 198 -0.53 -3.38 -26.10
C GLN A 198 -1.75 -3.34 -27.01
N LYS A 199 -1.70 -4.14 -28.08
CA LYS A 199 -2.84 -4.20 -28.98
C LYS A 199 -3.98 -4.74 -28.13
N CYS A 200 -3.66 -5.66 -27.22
CA CYS A 200 -4.67 -6.25 -26.32
C CYS A 200 -5.27 -5.20 -25.40
N LEU A 201 -4.41 -4.54 -24.63
CA LEU A 201 -4.85 -3.50 -23.71
C LEU A 201 -5.78 -2.52 -24.40
N ALA A 202 -5.33 -2.05 -25.55
CA ALA A 202 -6.08 -1.07 -26.34
C ALA A 202 -7.43 -1.55 -26.81
N MET A 203 -7.48 -2.76 -27.38
CA MET A 203 -8.75 -3.27 -27.87
C MET A 203 -9.68 -3.58 -26.71
N GLY A 204 -9.24 -3.24 -25.50
CA GLY A 204 -10.06 -3.42 -24.32
C GLY A 204 -9.93 -4.66 -23.46
N MET A 205 -8.94 -5.52 -23.70
CA MET A 205 -8.81 -6.71 -22.86
C MET A 205 -8.50 -6.31 -21.43
N LYS A 206 -9.24 -6.87 -20.49
CA LYS A 206 -9.07 -6.54 -19.08
C LYS A 206 -8.26 -7.55 -18.31
N ARG A 207 -7.22 -7.07 -17.66
CA ARG A 207 -6.35 -7.92 -16.86
C ARG A 207 -7.05 -8.64 -15.69
N GLU A 208 -7.86 -7.92 -14.93
CA GLU A 208 -8.54 -8.52 -13.78
C GLU A 208 -9.61 -9.52 -14.18
N ALA A 209 -9.84 -9.68 -15.48
CA ALA A 209 -10.84 -10.62 -15.95
C ALA A 209 -10.20 -12.00 -15.87
N VAL A 210 -8.90 -12.01 -15.55
CA VAL A 210 -8.11 -13.23 -15.43
C VAL A 210 -8.06 -13.72 -13.98
N GLN A 211 -8.43 -14.97 -13.79
CA GLN A 211 -8.40 -15.58 -12.48
C GLN A 211 -7.03 -16.24 -12.39
N GLU A 212 -6.67 -16.80 -11.24
CA GLU A 212 -5.36 -17.39 -11.14
C GLU A 212 -5.33 -18.89 -10.91
N GLU A 213 -4.26 -19.51 -11.42
CA GLU A 213 -4.02 -20.95 -11.31
C GLU A 213 -4.98 -21.75 -10.44
N ARG A 214 -5.90 -22.45 -11.09
CA ARG A 214 -6.84 -23.29 -10.38
C ARG A 214 -6.08 -24.56 -10.05
N GLN A 215 -4.83 -24.44 -9.63
CA GLN A 215 -4.03 -25.62 -9.33
C GLN A 215 -2.91 -25.31 -8.38
N ARG A 216 -3.22 -24.65 -7.28
CA ARG A 216 -2.17 -24.31 -6.33
C ARG A 216 -2.31 -24.93 -4.97
N GLY A 217 -1.18 -25.11 -4.30
CA GLY A 217 -1.16 -25.64 -2.96
C GLY A 217 -1.19 -24.40 -2.09
N LYS A 218 -0.77 -23.29 -2.70
CA LYS A 218 -0.73 -21.97 -2.08
C LYS A 218 -0.52 -21.91 -0.55
N ASP A 219 0.40 -22.72 -0.05
CA ASP A 219 0.70 -22.75 1.39
C ASP A 219 2.19 -23.01 1.67
N ARG A 220 2.96 -21.93 1.73
CA ARG A 220 4.40 -22.02 2.01
C ARG A 220 4.67 -22.39 3.47
N ASN A 221 3.60 -22.72 4.21
CA ASN A 221 3.73 -23.10 5.62
C ASN A 221 3.86 -24.61 5.82
N GLU A 222 4.73 -25.02 6.74
CA GLU A 222 4.97 -26.42 7.05
C GLU A 222 3.86 -26.98 7.94
N ASN A 223 3.49 -28.24 7.73
CA ASN A 223 2.43 -28.90 8.48
C ASN A 223 2.54 -28.72 10.00
N GLU A 224 1.39 -28.41 10.62
CA GLU A 224 1.26 -28.19 12.05
C GLU A 224 1.80 -26.84 12.52
N VAL A 225 3.04 -26.82 12.99
CA VAL A 225 3.68 -25.60 13.48
C VAL A 225 5.14 -25.48 13.06
N GLU A 226 5.50 -24.32 12.50
CA GLU A 226 6.87 -24.06 12.06
C GLU A 226 7.55 -23.21 13.12
N SER A 227 7.88 -23.86 14.25
CA SER A 227 8.51 -23.24 15.42
C SER A 227 7.53 -23.31 16.59
N THR A 228 7.06 -24.53 16.87
CA THR A 228 6.12 -24.82 17.95
C THR A 228 5.51 -23.60 18.65
N SER A 229 4.21 -23.39 18.43
CA SER A 229 3.46 -22.27 18.99
C SER A 229 3.98 -20.93 18.46
N SER A 230 4.44 -20.96 17.21
CA SER A 230 4.98 -19.78 16.53
C SER A 230 6.32 -19.35 17.10
N ALA A 231 6.60 -19.75 18.34
CA ALA A 231 7.84 -19.38 19.01
C ALA A 231 7.84 -17.87 19.28
N ASN A 232 7.07 -17.14 18.48
CA ASN A 232 6.96 -15.69 18.58
C ASN A 232 8.31 -15.03 18.40
N GLU A 233 9.36 -15.73 18.83
CA GLU A 233 10.71 -15.23 18.73
C GLU A 233 11.55 -16.01 17.71
N ASP A 234 11.21 -15.83 16.43
CA ASP A 234 11.94 -16.42 15.29
C ASP A 234 12.88 -15.28 14.94
N MET A 235 12.58 -14.14 15.57
CA MET A 235 13.30 -12.88 15.48
C MET A 235 13.36 -12.41 16.93
N PRO A 236 14.23 -13.03 17.74
CA PRO A 236 14.42 -12.72 19.16
C PRO A 236 14.75 -11.26 19.44
N VAL A 237 13.89 -10.61 20.22
CA VAL A 237 14.03 -9.22 20.62
C VAL A 237 15.32 -8.93 21.40
N GLU A 238 15.78 -9.90 22.18
CA GLU A 238 17.00 -9.75 22.96
C GLU A 238 18.17 -9.56 22.01
N ARG A 239 18.23 -10.39 20.98
CA ARG A 239 19.29 -10.33 19.98
C ARG A 239 19.42 -8.93 19.40
N ILE A 240 18.28 -8.34 19.03
CA ILE A 240 18.25 -6.99 18.49
C ILE A 240 18.80 -6.06 19.56
N LEU A 241 18.19 -6.11 20.74
CA LEU A 241 18.60 -5.26 21.88
C LEU A 241 20.11 -5.27 22.03
N GLU A 242 20.70 -6.45 22.06
CA GLU A 242 22.14 -6.60 22.19
C GLU A 242 22.79 -5.89 21.01
N ALA A 243 22.33 -6.25 19.82
CA ALA A 243 22.83 -5.68 18.57
C ALA A 243 22.80 -4.17 18.68
N GLU A 244 21.83 -3.66 19.45
CA GLU A 244 21.69 -2.21 19.65
C GLU A 244 22.65 -1.72 20.71
N LEU A 245 23.04 -2.60 21.62
CA LEU A 245 23.97 -2.26 22.69
C LEU A 245 25.43 -2.32 22.21
N ALA A 246 25.64 -2.89 21.03
CA ALA A 246 26.99 -3.01 20.46
C ALA A 246 27.46 -1.68 19.86
N PRO A 269 29.95 22.99 11.15
CA PRO A 269 28.56 22.62 11.45
C PRO A 269 28.12 21.34 10.71
N VAL A 270 28.31 21.36 9.39
CA VAL A 270 27.94 20.25 8.53
C VAL A 270 29.09 19.26 8.34
N THR A 271 30.25 19.77 7.91
CA THR A 271 31.43 18.92 7.69
C THR A 271 31.74 18.12 8.95
N ASN A 272 31.16 18.55 10.09
CA ASN A 272 31.37 17.87 11.36
C ASN A 272 30.42 16.68 11.46
N ILE A 273 29.21 16.87 10.97
CA ILE A 273 28.19 15.82 10.98
C ILE A 273 28.73 14.60 10.23
N CYS A 274 29.07 14.81 8.97
CA CYS A 274 29.58 13.75 8.10
C CYS A 274 30.74 12.97 8.70
N GLN A 275 31.43 13.56 9.67
CA GLN A 275 32.54 12.88 10.32
C GLN A 275 31.95 11.72 11.11
N ALA A 276 30.80 11.99 11.72
CA ALA A 276 30.08 11.00 12.51
C ALA A 276 29.57 9.93 11.55
N ALA A 277 28.95 10.38 10.47
CA ALA A 277 28.40 9.50 9.45
C ALA A 277 29.41 8.44 9.05
N ASP A 278 30.48 8.85 8.38
CA ASP A 278 31.53 7.92 7.95
C ASP A 278 31.91 7.00 9.12
N LYS A 279 32.38 7.62 10.20
CA LYS A 279 32.77 6.88 11.40
C LYS A 279 31.65 5.90 11.74
N GLN A 280 30.40 6.36 11.65
CA GLN A 280 29.23 5.54 11.94
C GLN A 280 28.80 4.54 10.86
N LEU A 281 29.21 4.77 9.62
CA LEU A 281 28.83 3.88 8.53
C LEU A 281 29.53 2.52 8.57
N PHE A 282 30.61 2.40 9.33
CA PHE A 282 31.30 1.12 9.45
C PHE A 282 30.63 0.35 10.57
N THR A 283 29.90 1.10 11.39
CA THR A 283 29.16 0.55 12.51
C THR A 283 27.97 -0.27 12.00
N LEU A 284 27.26 0.28 11.03
CA LEU A 284 26.08 -0.37 10.46
C LEU A 284 26.32 -1.81 10.02
N VAL A 285 27.46 -2.09 9.38
CA VAL A 285 27.75 -3.44 8.94
C VAL A 285 27.86 -4.35 10.15
N GLU A 286 28.32 -3.76 11.26
CA GLU A 286 28.46 -4.47 12.52
C GLU A 286 27.08 -4.73 13.09
N TRP A 287 26.29 -3.68 13.23
CA TRP A 287 24.93 -3.80 13.77
C TRP A 287 24.11 -4.82 12.98
N ALA A 288 23.98 -4.59 11.68
CA ALA A 288 23.23 -5.47 10.78
C ALA A 288 23.74 -6.91 10.83
N LYS A 289 25.06 -7.05 10.86
CA LYS A 289 25.74 -8.34 10.93
C LYS A 289 25.20 -9.11 12.14
N ARG A 290 24.94 -8.40 13.24
CA ARG A 290 24.44 -8.99 14.49
C ARG A 290 22.94 -9.26 14.53
N ILE A 291 22.18 -8.57 13.68
CA ILE A 291 20.72 -8.76 13.60
C ILE A 291 20.43 -10.10 12.93
N PRO A 292 19.75 -11.01 13.65
CA PRO A 292 19.43 -12.33 13.11
C PRO A 292 18.94 -12.38 11.65
N HIS A 293 19.16 -13.54 11.04
CA HIS A 293 18.75 -13.83 9.67
C HIS A 293 19.31 -12.90 8.58
N PHE A 294 20.03 -11.86 8.97
CA PHE A 294 20.60 -10.95 7.98
C PHE A 294 21.78 -11.62 7.29
N SER A 295 22.69 -12.16 8.09
CA SER A 295 23.88 -12.82 7.56
C SER A 295 23.55 -14.06 6.71
N GLU A 296 22.38 -14.66 6.94
CA GLU A 296 21.97 -15.84 6.18
C GLU A 296 21.38 -15.44 4.84
N LEU A 297 21.34 -14.14 4.59
CA LEU A 297 20.81 -13.62 3.34
C LEU A 297 21.93 -13.49 2.31
N PRO A 298 21.56 -13.57 1.01
CA PRO A 298 22.49 -13.47 -0.11
C PRO A 298 23.33 -12.21 0.03
N LEU A 299 24.66 -12.36 0.06
CA LEU A 299 25.58 -11.25 0.20
C LEU A 299 25.27 -10.04 -0.70
N ASP A 300 24.44 -10.23 -1.73
CA ASP A 300 24.07 -9.14 -2.64
C ASP A 300 22.95 -8.32 -2.05
N ASP A 301 21.89 -9.01 -1.63
CA ASP A 301 20.73 -8.39 -1.04
C ASP A 301 21.13 -7.61 0.21
N GLN A 302 22.21 -8.05 0.85
CA GLN A 302 22.72 -7.40 2.05
C GLN A 302 23.23 -6.01 1.69
N VAL A 303 23.86 -5.91 0.53
CA VAL A 303 24.39 -4.63 0.10
C VAL A 303 23.24 -3.76 -0.35
N ILE A 304 22.31 -4.36 -1.10
CA ILE A 304 21.14 -3.65 -1.59
C ILE A 304 20.35 -3.13 -0.38
N LEU A 305 20.13 -4.00 0.59
CA LEU A 305 19.40 -3.63 1.80
C LEU A 305 20.08 -2.48 2.54
N LEU A 306 21.39 -2.56 2.71
CA LEU A 306 22.11 -1.50 3.41
C LEU A 306 22.34 -0.23 2.60
N ARG A 307 22.32 -0.33 1.29
CA ARG A 307 22.51 0.84 0.42
C ARG A 307 21.26 1.68 0.45
N ALA A 308 20.12 1.00 0.34
CA ALA A 308 18.85 1.69 0.33
C ALA A 308 18.39 2.20 1.69
N GLY A 309 19.07 1.78 2.76
CA GLY A 309 18.64 2.21 4.09
C GLY A 309 19.64 2.80 5.07
N TRP A 310 20.90 2.91 4.69
CA TRP A 310 21.92 3.47 5.58
C TRP A 310 21.41 4.82 6.04
N ASN A 311 20.94 5.57 5.07
CA ASN A 311 20.42 6.91 5.28
C ASN A 311 19.41 6.99 6.43
N GLU A 312 18.30 6.24 6.32
CA GLU A 312 17.28 6.26 7.35
C GLU A 312 17.78 5.63 8.63
N LEU A 313 18.42 4.47 8.52
CA LEU A 313 18.94 3.78 9.70
C LEU A 313 19.80 4.72 10.54
N LEU A 314 20.76 5.39 9.89
CA LEU A 314 21.63 6.32 10.60
C LEU A 314 20.92 7.44 11.32
N ILE A 315 19.88 8.02 10.72
CA ILE A 315 19.19 9.12 11.38
C ILE A 315 18.39 8.68 12.59
N ALA A 316 17.65 7.59 12.42
CA ALA A 316 16.81 7.08 13.50
C ALA A 316 17.64 6.63 14.70
N SER A 317 18.95 6.51 14.51
CA SER A 317 19.85 6.09 15.58
C SER A 317 20.16 7.23 16.54
N PHE A 318 20.67 8.34 15.99
CA PHE A 318 21.04 9.50 16.80
C PHE A 318 19.86 10.34 17.24
N SER A 319 18.75 10.30 16.51
CA SER A 319 17.59 11.09 16.91
C SER A 319 17.03 10.52 18.21
N HIS A 320 17.44 9.32 18.55
CA HIS A 320 17.02 8.66 19.80
C HIS A 320 18.09 9.00 20.85
N ARG A 321 19.34 8.90 20.41
CA ARG A 321 20.48 9.19 21.28
C ARG A 321 20.40 10.64 21.75
N SER A 322 19.57 11.43 21.07
CA SER A 322 19.43 12.83 21.46
C SER A 322 18.27 13.03 22.43
N ILE A 323 17.83 11.96 23.08
CA ILE A 323 16.76 12.04 24.08
C ILE A 323 17.34 12.94 25.18
N ALA A 324 16.49 13.66 25.90
CA ALA A 324 16.99 14.59 26.90
C ALA A 324 17.72 15.55 25.94
N VAL A 325 18.94 15.93 26.24
CA VAL A 325 19.71 16.80 25.35
C VAL A 325 18.79 17.60 24.42
N LYS A 326 17.98 18.49 24.98
CA LYS A 326 17.04 19.28 24.18
C LYS A 326 17.64 20.42 23.37
N ASP A 327 16.95 20.76 22.29
CA ASP A 327 17.34 21.83 21.38
C ASP A 327 18.70 21.55 20.74
N GLY A 328 19.13 20.30 20.79
CA GLY A 328 20.40 19.93 20.20
C GLY A 328 20.49 18.42 20.03
N ILE A 329 21.60 17.97 19.46
CA ILE A 329 21.82 16.55 19.23
C ILE A 329 23.29 16.20 19.34
N LEU A 330 23.58 14.95 19.74
CA LEU A 330 24.95 14.45 19.91
C LEU A 330 25.38 13.60 18.73
N LEU A 331 26.34 14.07 17.93
CA LEU A 331 26.80 13.25 16.84
C LEU A 331 27.47 12.07 17.54
N ALA A 332 27.56 10.93 16.85
CA ALA A 332 28.13 9.72 17.42
C ALA A 332 29.52 9.84 18.04
N THR A 333 30.27 10.88 17.68
CA THR A 333 31.62 11.05 18.25
C THR A 333 31.64 11.87 19.55
N GLY A 334 30.87 12.95 19.62
CA GLY A 334 30.84 13.74 20.84
C GLY A 334 30.33 15.17 20.78
N LEU A 335 30.26 15.75 19.58
CA LEU A 335 29.79 17.13 19.42
C LEU A 335 28.31 17.34 19.72
N HIS A 336 28.00 18.42 20.42
CA HIS A 336 26.62 18.74 20.79
C HIS A 336 26.01 19.79 19.87
N VAL A 337 26.04 19.53 18.56
CA VAL A 337 25.47 20.47 17.61
C VAL A 337 24.12 20.94 18.12
N HIS A 338 24.07 22.19 18.54
CA HIS A 338 22.84 22.78 19.07
C HIS A 338 22.05 23.45 17.95
N ARG A 339 20.75 23.56 18.16
CA ARG A 339 19.85 24.15 17.16
C ARG A 339 20.37 25.38 16.44
N ASN A 340 20.21 26.55 17.06
CA ASN A 340 20.66 27.80 16.47
C ASN A 340 21.96 27.69 15.70
N SER A 341 22.78 26.70 16.05
CA SER A 341 24.06 26.49 15.38
C SER A 341 23.92 26.02 13.93
N ALA A 342 22.70 25.66 13.55
CA ALA A 342 22.45 25.18 12.19
C ALA A 342 21.95 26.26 11.26
N HIS A 343 20.92 27.00 11.69
CA HIS A 343 20.34 28.05 10.89
C HIS A 343 21.38 28.91 10.19
N SER A 344 22.50 29.12 10.87
CA SER A 344 23.59 29.91 10.32
C SER A 344 24.11 29.23 9.06
N ALA A 345 24.22 27.90 9.13
CA ALA A 345 24.70 27.11 8.00
C ALA A 345 23.66 27.03 6.89
N GLY A 346 22.41 27.33 7.23
CA GLY A 346 21.33 27.30 6.25
C GLY A 346 20.49 26.04 6.27
N VAL A 347 20.88 25.07 7.09
CA VAL A 347 20.16 23.82 7.20
C VAL A 347 19.30 23.81 8.45
N GLY A 348 18.70 24.96 8.75
CA GLY A 348 17.87 25.06 9.93
C GLY A 348 16.49 24.45 9.75
N ALA A 349 16.03 24.40 8.51
CA ALA A 349 14.72 23.83 8.23
C ALA A 349 14.73 22.34 8.55
N ILE A 350 15.63 21.62 7.89
CA ILE A 350 15.77 20.18 8.10
C ILE A 350 16.08 19.84 9.55
N PHE A 351 17.15 20.42 10.06
CA PHE A 351 17.56 20.14 11.43
C PHE A 351 16.38 20.25 12.39
N ASP A 352 15.60 21.31 12.28
CA ASP A 352 14.45 21.51 13.16
C ASP A 352 13.44 20.37 13.04
N ARG A 353 13.20 19.91 11.82
CA ARG A 353 12.24 18.83 11.60
C ARG A 353 12.67 17.60 12.38
N VAL A 354 13.97 17.33 12.40
CA VAL A 354 14.47 16.18 13.14
C VAL A 354 14.13 16.33 14.63
N LEU A 355 14.31 17.52 15.19
CA LEU A 355 14.00 17.76 16.60
C LEU A 355 12.52 17.62 16.91
N THR A 356 11.70 18.27 16.09
CA THR A 356 10.25 18.27 16.27
C THR A 356 9.42 17.03 15.93
N GLU A 357 9.78 16.26 14.90
CA GLU A 357 8.98 15.07 14.58
C GLU A 357 9.67 13.73 14.82
N LEU A 358 10.89 13.79 15.33
CA LEU A 358 11.64 12.58 15.65
C LEU A 358 12.04 12.72 17.11
N VAL A 359 13.15 13.41 17.34
CA VAL A 359 13.69 13.64 18.67
C VAL A 359 12.55 13.87 19.66
N SER A 360 11.79 14.93 19.43
CA SER A 360 10.66 15.25 20.29
C SER A 360 9.75 14.03 20.48
N LYS A 361 8.89 13.75 19.50
CA LYS A 361 7.97 12.61 19.55
C LYS A 361 8.56 11.40 20.25
N MET A 362 9.73 10.99 19.77
CA MET A 362 10.47 9.85 20.31
C MET A 362 10.62 10.03 21.81
N ARG A 363 11.01 11.23 22.18
CA ARG A 363 11.25 11.66 23.55
C ARG A 363 10.06 11.50 24.50
N ASP A 364 8.90 12.02 24.11
CA ASP A 364 7.69 11.95 24.94
C ASP A 364 7.07 10.56 25.02
N MET A 365 7.64 9.61 24.28
CA MET A 365 7.14 8.23 24.20
C MET A 365 7.89 7.25 25.10
N GLN A 366 9.11 7.63 25.49
CA GLN A 366 9.96 6.79 26.32
C GLN A 366 10.42 5.61 25.48
N MET A 367 10.83 5.87 24.24
CA MET A 367 11.24 4.81 23.33
C MET A 367 12.32 3.88 23.85
N ASP A 368 11.89 2.70 24.29
CA ASP A 368 12.74 1.63 24.81
C ASP A 368 13.85 1.38 23.80
N LYS A 369 15.11 1.37 24.26
CA LYS A 369 16.24 1.13 23.36
C LYS A 369 16.01 -0.10 22.49
N THR A 370 15.17 -1.01 22.95
CA THR A 370 14.84 -2.21 22.18
C THR A 370 13.94 -1.76 21.03
N GLU A 371 12.76 -1.27 21.37
CA GLU A 371 11.79 -0.80 20.40
C GLU A 371 12.48 -0.09 19.23
N LEU A 372 13.46 0.75 19.54
CA LEU A 372 14.20 1.45 18.51
C LEU A 372 14.85 0.44 17.55
N GLY A 373 15.69 -0.42 18.11
CA GLY A 373 16.34 -1.43 17.31
C GLY A 373 15.36 -2.27 16.49
N CYS A 374 14.19 -2.55 17.05
CA CYS A 374 13.19 -3.32 16.34
C CYS A 374 12.72 -2.54 15.12
N LEU A 375 12.67 -1.22 15.25
CA LEU A 375 12.25 -0.38 14.15
C LEU A 375 13.32 -0.26 13.10
N ARG A 376 14.57 -0.21 13.53
CA ARG A 376 15.66 -0.11 12.58
C ARG A 376 15.75 -1.40 11.79
N ALA A 377 15.30 -2.49 12.37
CA ALA A 377 15.31 -3.76 11.68
C ALA A 377 14.31 -3.68 10.54
N ILE A 378 13.12 -3.15 10.85
CA ILE A 378 12.06 -3.00 9.87
C ILE A 378 12.50 -2.07 8.73
N VAL A 379 13.31 -1.06 9.06
CA VAL A 379 13.79 -0.14 8.04
C VAL A 379 14.88 -0.81 7.22
N LEU A 380 15.49 -1.85 7.78
CA LEU A 380 16.54 -2.59 7.12
C LEU A 380 15.94 -3.56 6.13
N PHE A 381 15.13 -4.49 6.66
CA PHE A 381 14.46 -5.51 5.85
C PHE A 381 13.38 -4.90 4.98
N ASN A 382 13.81 -4.01 4.09
CA ASN A 382 12.94 -3.31 3.15
C ASN A 382 12.91 -4.10 1.83
N PRO A 383 11.85 -4.88 1.63
CA PRO A 383 11.71 -5.68 0.41
C PRO A 383 11.52 -4.88 -0.88
N ASP A 384 11.19 -3.61 -0.76
CA ASP A 384 10.98 -2.81 -1.97
C ASP A 384 12.27 -2.39 -2.66
N SER A 385 13.40 -2.42 -1.94
CA SER A 385 14.68 -2.04 -2.53
C SER A 385 14.86 -2.75 -3.87
N LYS A 386 15.21 -2.00 -4.92
CA LYS A 386 15.36 -2.57 -6.26
C LYS A 386 16.66 -3.39 -6.40
N GLY A 387 16.50 -4.63 -6.84
CA GLY A 387 17.66 -5.50 -7.03
C GLY A 387 17.62 -6.84 -6.32
N LEU A 388 16.90 -6.95 -5.21
CA LEU A 388 16.83 -8.22 -4.47
C LEU A 388 16.48 -9.37 -5.39
N SER A 389 17.43 -10.28 -5.59
CA SER A 389 17.19 -11.44 -6.43
C SER A 389 15.91 -12.13 -5.94
N ASN A 390 15.56 -11.85 -4.69
CA ASN A 390 14.35 -12.42 -4.09
C ASN A 390 13.79 -11.48 -3.03
N PRO A 391 12.66 -10.82 -3.34
CA PRO A 391 12.00 -9.90 -2.42
C PRO A 391 11.08 -10.58 -1.41
N ALA A 392 10.55 -11.74 -1.79
CA ALA A 392 9.64 -12.50 -0.93
C ALA A 392 10.26 -12.85 0.41
N GLU A 393 11.55 -13.20 0.39
CA GLU A 393 12.24 -13.56 1.62
C GLU A 393 12.41 -12.34 2.52
N VAL A 394 12.90 -11.26 1.94
CA VAL A 394 13.10 -10.03 2.69
C VAL A 394 11.77 -9.52 3.26
N GLU A 395 10.74 -9.51 2.43
CA GLU A 395 9.42 -9.05 2.85
C GLU A 395 8.97 -9.87 4.03
N ALA A 396 9.47 -11.10 4.13
CA ALA A 396 9.12 -12.00 5.21
C ALA A 396 9.82 -11.61 6.51
N LEU A 397 11.15 -11.57 6.49
CA LEU A 397 11.90 -11.22 7.68
C LEU A 397 11.41 -9.92 8.32
N ARG A 398 10.66 -9.13 7.56
CA ARG A 398 10.12 -7.90 8.11
C ARG A 398 8.84 -8.25 8.84
N GLU A 399 8.01 -9.09 8.22
CA GLU A 399 6.78 -9.50 8.86
C GLU A 399 7.10 -10.22 10.17
N LYS A 400 8.25 -10.90 10.23
CA LYS A 400 8.65 -11.59 11.45
C LYS A 400 8.87 -10.52 12.52
N VAL A 401 9.66 -9.51 12.18
CA VAL A 401 9.93 -8.43 13.10
C VAL A 401 8.68 -7.65 13.44
N TYR A 402 7.68 -7.64 12.56
CA TYR A 402 6.46 -6.93 12.90
C TYR A 402 5.89 -7.72 14.06
N ALA A 403 5.98 -9.04 13.94
CA ALA A 403 5.47 -9.96 14.95
C ALA A 403 6.16 -9.78 16.29
N SER A 404 7.48 -9.99 16.34
CA SER A 404 8.22 -9.86 17.59
C SER A 404 7.93 -8.57 18.34
N LEU A 405 8.22 -7.43 17.72
CA LEU A 405 7.98 -6.15 18.34
C LEU A 405 6.51 -6.05 18.72
N GLU A 406 5.64 -6.55 17.85
CA GLU A 406 4.22 -6.48 18.11
C GLU A 406 3.90 -7.11 19.44
N ALA A 407 4.48 -8.27 19.72
CA ALA A 407 4.24 -8.97 20.97
C ALA A 407 4.94 -8.26 22.12
N TYR A 408 6.17 -7.85 21.89
CA TYR A 408 6.98 -7.13 22.88
C TYR A 408 6.28 -5.97 23.60
N CYS A 409 5.21 -5.44 23.04
CA CYS A 409 4.50 -4.34 23.68
C CYS A 409 3.37 -4.91 24.53
N LYS A 410 2.87 -6.08 24.13
CA LYS A 410 1.82 -6.76 24.87
C LYS A 410 2.38 -7.17 26.22
N HIS A 411 3.68 -7.45 26.25
CA HIS A 411 4.38 -7.86 27.46
C HIS A 411 4.78 -6.67 28.33
N LYS A 412 5.65 -5.84 27.76
CA LYS A 412 6.19 -4.68 28.45
C LYS A 412 5.29 -3.48 28.66
N TYR A 413 4.35 -3.25 27.76
CA TYR A 413 3.47 -2.08 27.88
C TYR A 413 2.00 -2.38 27.84
N PRO A 414 1.52 -3.29 28.70
CA PRO A 414 0.09 -3.63 28.70
C PRO A 414 -0.89 -2.48 28.95
N GLU A 415 -0.41 -1.42 29.60
CA GLU A 415 -1.28 -0.29 29.86
C GLU A 415 -1.50 0.55 28.61
N GLN A 416 -0.73 0.24 27.58
CA GLN A 416 -0.81 0.97 26.32
C GLN A 416 -1.14 0.05 25.17
N PRO A 417 -2.43 -0.16 24.90
CA PRO A 417 -2.81 -1.04 23.79
C PRO A 417 -2.37 -0.50 22.42
N GLY A 418 -2.57 0.79 22.19
CA GLY A 418 -2.20 1.37 20.91
C GLY A 418 -0.75 1.84 20.76
N ARG A 419 0.17 1.20 21.46
CA ARG A 419 1.57 1.61 21.40
C ARG A 419 2.27 1.11 20.15
N PHE A 420 1.97 -0.13 19.79
CA PHE A 420 2.59 -0.74 18.62
C PHE A 420 2.39 0.13 17.39
N ALA A 421 1.18 0.64 17.23
CA ALA A 421 0.87 1.49 16.09
C ALA A 421 1.61 2.81 16.21
N LYS A 422 1.56 3.42 17.40
CA LYS A 422 2.23 4.68 17.64
C LYS A 422 3.72 4.58 17.33
N LEU A 423 4.29 3.39 17.51
CA LEU A 423 5.72 3.15 17.25
C LEU A 423 6.00 3.04 15.76
N LEU A 424 5.04 2.51 15.00
CA LEU A 424 5.18 2.33 13.57
C LEU A 424 4.95 3.62 12.79
N LEU A 425 4.22 4.56 13.39
CA LEU A 425 3.94 5.82 12.73
C LEU A 425 5.11 6.81 12.81
N ARG A 426 6.16 6.41 13.52
CA ARG A 426 7.36 7.23 13.63
C ARG A 426 8.09 6.99 12.31
N LEU A 427 7.70 5.93 11.61
CA LEU A 427 8.33 5.56 10.35
C LEU A 427 8.11 6.52 9.16
N PRO A 428 6.88 6.99 8.95
CA PRO A 428 6.69 7.91 7.82
C PRO A 428 7.61 9.13 7.87
N ALA A 429 7.65 9.79 9.02
CA ALA A 429 8.48 10.98 9.17
C ALA A 429 9.95 10.61 9.06
N LEU A 430 10.31 9.44 9.55
CA LEU A 430 11.69 9.05 9.44
C LEU A 430 12.07 8.97 7.99
N ARG A 431 11.10 8.79 7.08
CA ARG A 431 11.44 8.70 5.67
C ARG A 431 11.48 10.04 4.94
N SER A 432 10.58 10.95 5.27
CA SER A 432 10.58 12.25 4.62
C SER A 432 11.87 12.91 5.02
N ILE A 433 12.08 13.00 6.33
CA ILE A 433 13.29 13.59 6.82
C ILE A 433 14.47 12.92 6.11
N GLY A 434 14.44 11.60 6.00
CA GLY A 434 15.52 10.89 5.33
C GLY A 434 15.74 11.26 3.88
N LEU A 435 14.66 11.45 3.14
CA LEU A 435 14.77 11.82 1.73
C LEU A 435 15.28 13.25 1.58
N LYS A 436 14.73 14.16 2.39
CA LYS A 436 15.14 15.56 2.34
C LYS A 436 16.64 15.67 2.63
N CYS A 437 17.17 14.76 3.42
CA CYS A 437 18.60 14.78 3.73
C CYS A 437 19.39 14.39 2.50
N LEU A 438 19.03 13.29 1.86
CA LEU A 438 19.75 12.91 0.64
C LEU A 438 19.77 14.12 -0.29
N GLU A 439 18.64 14.83 -0.35
CA GLU A 439 18.51 16.02 -1.19
C GLU A 439 19.65 16.97 -0.84
N HIS A 440 19.94 17.11 0.45
CA HIS A 440 21.00 17.99 0.92
C HIS A 440 22.36 17.30 0.93
N LEU A 441 22.55 16.32 0.05
CA LEU A 441 23.84 15.64 -0.04
C LEU A 441 24.22 15.62 -1.51
N PHE A 442 23.22 15.42 -2.37
CA PHE A 442 23.44 15.43 -3.82
C PHE A 442 23.45 16.89 -4.23
N PHE A 443 23.53 17.77 -3.23
CA PHE A 443 23.57 19.22 -3.42
C PHE A 443 24.86 19.75 -2.82
N PHE A 444 25.54 18.90 -2.06
CA PHE A 444 26.82 19.27 -1.45
C PHE A 444 27.94 18.44 -2.06
N LYS A 445 27.57 17.50 -2.92
CA LYS A 445 28.58 16.66 -3.55
C LYS A 445 28.83 17.14 -4.98
N LEU A 446 27.80 17.07 -5.83
CA LEU A 446 27.94 17.51 -7.21
C LEU A 446 28.30 18.99 -7.22
N ILE A 447 28.14 19.65 -6.07
CA ILE A 447 28.47 21.06 -5.95
C ILE A 447 29.91 21.22 -5.43
N GLY A 448 30.73 20.25 -5.81
CA GLY A 448 32.15 20.22 -5.45
C GLY A 448 32.62 20.60 -4.07
N ASP A 449 31.71 20.94 -3.14
CA ASP A 449 32.13 21.31 -1.79
C ASP A 449 32.86 20.13 -1.15
N THR A 450 32.71 18.97 -1.76
CA THR A 450 33.33 17.71 -1.33
C THR A 450 34.11 17.66 -0.01
N PRO A 451 33.40 17.77 1.13
CA PRO A 451 34.12 17.72 2.41
C PRO A 451 34.06 16.33 3.04
N ILE A 452 33.22 15.46 2.49
CA ILE A 452 33.05 14.10 3.00
C ILE A 452 34.30 13.24 2.94
N ASP A 453 34.14 11.95 3.25
CA ASP A 453 35.26 11.02 3.26
C ASP A 453 35.25 10.01 2.11
N THR A 454 35.25 8.72 2.46
CA THR A 454 35.30 7.66 1.47
C THR A 454 34.08 6.73 1.43
N PHE A 455 33.56 6.33 2.58
CA PHE A 455 32.41 5.43 2.60
C PHE A 455 31.16 6.13 2.05
N LEU A 456 31.21 7.45 1.95
CA LEU A 456 30.09 8.24 1.42
C LEU A 456 30.14 8.32 -0.10
N MET A 457 31.15 7.68 -0.71
CA MET A 457 31.27 7.72 -2.16
C MET A 457 30.45 6.65 -2.88
N GLU A 458 30.39 5.44 -2.31
CA GLU A 458 29.59 4.39 -2.94
C GLU A 458 28.15 4.54 -2.48
N MET A 459 27.96 5.17 -1.33
CA MET A 459 26.64 5.40 -0.77
C MET A 459 25.88 6.41 -1.61
N LEU A 460 26.62 7.18 -2.40
CA LEU A 460 26.03 8.20 -3.25
C LEU A 460 26.40 7.96 -4.72
N ALA B 50 -28.51 -10.52 3.74
CA ALA B 50 -27.08 -10.21 4.06
C ALA B 50 -26.35 -11.45 4.60
N ILE B 51 -26.86 -12.63 4.26
CA ILE B 51 -26.26 -13.90 4.71
C ILE B 51 -25.06 -14.23 3.84
N GLU B 52 -24.21 -15.14 4.30
CA GLU B 52 -23.04 -15.55 3.54
C GLU B 52 -23.17 -17.02 3.18
N CYS B 53 -22.19 -17.52 2.43
CA CYS B 53 -22.21 -18.91 2.03
C CYS B 53 -21.41 -19.74 3.04
N ARG B 54 -21.95 -20.91 3.39
CA ARG B 54 -21.32 -21.82 4.35
C ARG B 54 -20.08 -22.50 3.79
N VAL B 55 -19.88 -22.39 2.48
CA VAL B 55 -18.73 -23.05 1.86
C VAL B 55 -17.60 -22.08 1.49
N CYS B 56 -17.93 -21.05 0.71
CA CYS B 56 -16.88 -20.13 0.31
C CYS B 56 -16.97 -18.77 0.99
N GLY B 57 -18.14 -18.15 0.95
CA GLY B 57 -18.26 -16.86 1.60
C GLY B 57 -19.18 -15.85 0.99
N ASP B 58 -19.07 -15.57 -0.30
CA ASP B 58 -19.94 -14.58 -0.92
C ASP B 58 -21.41 -14.83 -0.60
N LYS B 59 -22.22 -13.77 -0.66
CA LYS B 59 -23.63 -13.89 -0.33
C LYS B 59 -24.24 -15.14 -0.93
N ALA B 60 -25.02 -15.88 -0.14
CA ALA B 60 -25.66 -17.08 -0.61
C ALA B 60 -26.81 -16.67 -1.52
N SER B 61 -27.27 -17.60 -2.34
CA SER B 61 -28.39 -17.34 -3.24
C SER B 61 -29.62 -18.06 -2.74
N GLY B 62 -29.52 -18.60 -1.53
CA GLY B 62 -30.64 -19.31 -0.94
C GLY B 62 -30.30 -20.63 -0.28
N PHE B 63 -31.35 -21.35 0.13
CA PHE B 63 -31.23 -22.64 0.79
C PHE B 63 -31.22 -23.75 -0.27
N HIS B 64 -30.02 -24.17 -0.63
CA HIS B 64 -29.78 -25.21 -1.61
C HIS B 64 -29.26 -26.45 -0.91
N TYR B 65 -30.01 -27.54 -0.97
CA TYR B 65 -29.63 -28.79 -0.32
C TYR B 65 -29.38 -28.55 1.16
N GLY B 66 -30.43 -28.21 1.90
CA GLY B 66 -30.32 -27.97 3.32
C GLY B 66 -29.20 -27.11 3.89
N VAL B 67 -28.82 -26.05 3.18
CA VAL B 67 -27.78 -25.15 3.64
C VAL B 67 -27.69 -23.89 2.80
N HIS B 68 -27.24 -22.80 3.41
CA HIS B 68 -27.08 -21.53 2.70
C HIS B 68 -25.82 -21.63 1.87
N ALA B 69 -25.99 -21.66 0.56
CA ALA B 69 -24.87 -21.78 -0.35
C ALA B 69 -24.99 -20.76 -1.47
N CYS B 70 -23.86 -20.45 -2.09
CA CYS B 70 -23.84 -19.50 -3.19
C CYS B 70 -24.14 -20.23 -4.49
N GLU B 71 -24.36 -19.47 -5.57
CA GLU B 71 -24.67 -20.05 -6.87
C GLU B 71 -23.53 -20.95 -7.37
N GLY B 72 -22.31 -20.56 -7.04
CA GLY B 72 -21.17 -21.37 -7.45
C GLY B 72 -21.09 -22.68 -6.71
N CYS B 73 -21.14 -22.60 -5.38
CA CYS B 73 -21.05 -23.80 -4.56
C CYS B 73 -22.29 -24.66 -4.71
N LYS B 74 -23.41 -24.05 -5.05
CA LYS B 74 -24.63 -24.82 -5.24
C LYS B 74 -24.37 -25.75 -6.41
N GLY B 75 -24.20 -25.16 -7.59
CA GLY B 75 -23.96 -25.93 -8.79
C GLY B 75 -22.70 -26.78 -8.82
N PHE B 76 -21.79 -26.60 -7.87
CA PHE B 76 -20.58 -27.42 -7.87
C PHE B 76 -20.97 -28.74 -7.27
N PHE B 77 -21.72 -28.65 -6.20
CA PHE B 77 -22.21 -29.81 -5.47
C PHE B 77 -23.07 -30.67 -6.40
N ARG B 78 -24.05 -30.06 -7.04
CA ARG B 78 -24.93 -30.83 -7.92
C ARG B 78 -24.20 -31.45 -9.09
N ARG B 79 -23.14 -30.80 -9.56
CA ARG B 79 -22.38 -31.31 -10.70
C ARG B 79 -21.53 -32.51 -10.29
N THR B 80 -21.06 -32.49 -9.04
CA THR B 80 -20.25 -33.59 -8.51
C THR B 80 -21.11 -34.84 -8.34
N ILE B 81 -22.41 -34.64 -8.11
CA ILE B 81 -23.30 -35.78 -7.93
C ILE B 81 -23.93 -36.22 -9.25
N ARG B 82 -24.60 -35.30 -9.95
CA ARG B 82 -25.23 -35.63 -11.22
C ARG B 82 -24.23 -36.36 -12.13
N LEU B 83 -22.98 -36.43 -11.68
CA LEU B 83 -21.91 -37.12 -12.39
C LEU B 83 -20.95 -37.72 -11.36
N LYS B 84 -20.92 -39.03 -11.18
CA LYS B 84 -20.00 -39.64 -10.22
C LYS B 84 -18.63 -39.00 -10.41
N LEU B 85 -18.27 -38.08 -9.53
CA LEU B 85 -16.98 -37.40 -9.65
C LEU B 85 -16.09 -37.58 -8.43
N ILE B 86 -14.91 -38.13 -8.68
CA ILE B 86 -13.96 -38.39 -7.62
C ILE B 86 -12.74 -37.48 -7.75
N TYR B 87 -12.49 -36.70 -6.70
CA TYR B 87 -11.34 -35.80 -6.68
C TYR B 87 -10.30 -36.41 -5.74
N ASP B 88 -9.16 -36.80 -6.30
CA ASP B 88 -8.08 -37.41 -5.53
C ASP B 88 -7.84 -36.62 -4.25
N ARG B 89 -7.64 -37.34 -3.15
CA ARG B 89 -7.44 -36.74 -1.85
C ARG B 89 -6.44 -35.59 -1.83
N CYS B 90 -6.46 -34.86 -0.72
CA CYS B 90 -5.59 -33.73 -0.46
C CYS B 90 -5.54 -33.73 1.07
N ASP B 91 -4.38 -34.03 1.61
CA ASP B 91 -4.22 -34.07 3.05
C ASP B 91 -4.41 -32.69 3.66
N LEU B 92 -3.87 -31.68 2.98
CA LEU B 92 -3.94 -30.30 3.44
C LEU B 92 -5.39 -29.85 3.64
N ASN B 93 -5.65 -29.18 4.76
CA ASN B 93 -6.99 -28.68 5.01
C ASN B 93 -7.06 -27.28 4.41
N CYS B 94 -7.35 -27.21 3.12
CA CYS B 94 -7.42 -25.94 2.41
C CYS B 94 -8.48 -25.01 2.96
N ARG B 95 -8.21 -23.72 2.89
CA ARG B 95 -9.14 -22.73 3.36
C ARG B 95 -10.02 -22.36 2.17
N ILE B 96 -11.31 -22.65 2.26
CA ILE B 96 -12.20 -22.33 1.17
C ILE B 96 -12.74 -20.91 1.28
N HIS B 97 -12.34 -20.08 0.32
CA HIS B 97 -12.78 -18.69 0.27
C HIS B 97 -13.14 -18.31 -1.17
N LYS B 98 -13.91 -17.24 -1.29
CA LYS B 98 -14.37 -16.70 -2.56
C LYS B 98 -13.42 -16.98 -3.74
N LYS B 99 -12.14 -16.69 -3.55
CA LYS B 99 -11.12 -16.89 -4.59
C LYS B 99 -10.57 -18.32 -4.67
N SER B 100 -10.00 -18.79 -3.56
CA SER B 100 -9.43 -20.13 -3.49
C SER B 100 -10.41 -21.25 -3.81
N ARG B 101 -11.71 -20.96 -3.70
CA ARG B 101 -12.75 -21.96 -3.93
C ARG B 101 -12.58 -22.84 -5.16
N ASN B 102 -11.97 -22.32 -6.23
CA ASN B 102 -11.78 -23.12 -7.44
C ASN B 102 -10.39 -23.70 -7.64
N LYS B 103 -9.73 -24.02 -6.53
CA LYS B 103 -8.39 -24.58 -6.58
C LYS B 103 -8.40 -26.08 -6.30
N CYS B 104 -8.59 -26.45 -5.04
CA CYS B 104 -8.62 -27.86 -4.71
C CYS B 104 -10.07 -28.33 -4.67
N GLN B 105 -10.46 -29.09 -5.68
CA GLN B 105 -11.81 -29.62 -5.80
C GLN B 105 -12.20 -30.59 -4.69
N TYR B 106 -11.26 -31.43 -4.28
CA TYR B 106 -11.50 -32.39 -3.21
C TYR B 106 -11.77 -31.59 -1.93
N CYS B 107 -10.91 -30.61 -1.67
CA CYS B 107 -11.05 -29.80 -0.48
C CYS B 107 -12.31 -28.95 -0.48
N ARG B 108 -12.80 -28.58 -1.66
CA ARG B 108 -14.02 -27.78 -1.73
C ARG B 108 -15.21 -28.68 -1.45
N PHE B 109 -15.37 -29.76 -2.22
CA PHE B 109 -16.47 -30.69 -2.01
C PHE B 109 -16.49 -31.21 -0.56
N GLN B 110 -15.35 -31.75 -0.14
CA GLN B 110 -15.21 -32.27 1.21
C GLN B 110 -15.81 -31.28 2.23
N LYS B 111 -15.33 -30.05 2.19
CA LYS B 111 -15.82 -29.05 3.12
C LYS B 111 -17.33 -28.90 3.09
N CYS B 112 -17.88 -28.65 1.91
CA CYS B 112 -19.32 -28.45 1.81
C CYS B 112 -20.17 -29.65 2.21
N LEU B 113 -19.53 -30.80 2.47
CA LEU B 113 -20.27 -31.96 2.92
C LEU B 113 -20.31 -31.89 4.44
N ALA B 114 -19.28 -31.25 4.99
CA ALA B 114 -19.16 -31.06 6.43
C ALA B 114 -20.09 -29.95 6.90
N VAL B 115 -20.41 -29.03 6.00
CA VAL B 115 -21.30 -27.93 6.35
C VAL B 115 -22.75 -28.40 6.35
N GLY B 116 -22.97 -29.62 5.88
CA GLY B 116 -24.32 -30.15 5.87
C GLY B 116 -25.00 -30.35 4.53
N MET B 117 -24.48 -29.77 3.47
CA MET B 117 -25.12 -29.93 2.17
C MET B 117 -25.51 -31.40 1.96
N SER B 118 -26.80 -31.64 1.78
CA SER B 118 -27.35 -32.98 1.58
C SER B 118 -28.35 -33.02 0.44
N HIS B 119 -28.32 -34.10 -0.34
CA HIS B 119 -29.24 -34.25 -1.46
C HIS B 119 -30.62 -34.50 -0.87
N ASN B 120 -30.64 -35.06 0.34
CA ASN B 120 -31.88 -35.38 1.03
C ASN B 120 -32.27 -34.33 2.06
N ALA B 121 -31.78 -33.11 1.89
CA ALA B 121 -32.10 -32.02 2.82
C ALA B 121 -32.73 -30.87 2.04
N ILE B 122 -32.93 -31.11 0.75
CA ILE B 122 -33.56 -30.13 -0.14
C ILE B 122 -34.89 -29.66 0.47
N ARG B 123 -35.20 -28.39 0.31
CA ARG B 123 -36.45 -27.84 0.87
C ARG B 123 -37.00 -26.65 0.06
N PHE B 124 -38.21 -26.80 -0.44
CA PHE B 124 -38.85 -25.76 -1.24
C PHE B 124 -39.67 -24.86 -0.32
N GLY B 125 -40.65 -24.17 -0.92
CA GLY B 125 -41.55 -23.35 -0.14
C GLY B 125 -41.23 -21.92 0.25
N ARG B 126 -41.57 -21.60 1.50
CA ARG B 126 -41.36 -20.28 2.10
C ARG B 126 -40.56 -20.45 3.40
N MET B 127 -40.46 -19.38 4.15
CA MET B 127 -39.76 -19.39 5.42
C MET B 127 -40.75 -19.09 6.55
N PRO B 128 -41.47 -20.12 7.03
CA PRO B 128 -42.48 -20.03 8.10
C PRO B 128 -41.97 -19.37 9.38
N GLN B 129 -40.78 -19.76 9.80
CA GLN B 129 -40.18 -19.23 11.01
C GLN B 129 -38.82 -18.63 10.70
N ALA B 130 -38.79 -17.79 9.67
CA ALA B 130 -37.55 -17.12 9.29
C ALA B 130 -37.39 -16.13 10.43
N GLU B 131 -38.52 -15.67 10.94
CA GLU B 131 -38.60 -14.72 12.04
C GLU B 131 -37.68 -15.23 13.15
N LYS B 132 -37.60 -16.56 13.26
CA LYS B 132 -36.73 -17.21 14.25
C LYS B 132 -35.30 -16.83 13.89
N GLU B 133 -34.84 -17.31 12.74
CA GLU B 133 -33.50 -17.04 12.27
C GLU B 133 -33.42 -15.73 11.47
N LYS B 134 -34.22 -14.73 11.86
CA LYS B 134 -34.21 -13.44 11.17
C LYS B 134 -33.36 -12.44 11.94
N LEU B 135 -32.97 -12.85 13.14
CA LEU B 135 -32.12 -12.02 13.99
C LEU B 135 -30.67 -12.39 13.69
N LEU B 136 -30.40 -12.66 12.42
CA LEU B 136 -29.08 -13.05 11.94
C LEU B 136 -28.42 -14.06 12.85
N ALA B 137 -29.23 -14.82 13.58
CA ALA B 137 -28.78 -15.86 14.49
C ALA B 137 -27.45 -15.57 15.19
N GLU B 138 -27.12 -14.28 15.35
CA GLU B 138 -25.87 -13.88 16.00
C GLU B 138 -26.13 -12.66 16.87
N ILE B 139 -27.42 -12.33 17.05
CA ILE B 139 -27.78 -11.19 17.87
C ILE B 139 -27.55 -11.47 19.35
N SER B 140 -27.05 -12.68 19.63
CA SER B 140 -26.75 -13.08 21.01
C SER B 140 -25.26 -12.83 21.25
N SER B 141 -24.49 -12.82 20.17
CA SER B 141 -23.06 -12.54 20.26
C SER B 141 -22.91 -11.07 19.93
N ASP B 142 -24.04 -10.41 19.68
CA ASP B 142 -24.06 -8.98 19.38
C ASP B 142 -24.31 -8.23 20.70
N ILE B 143 -24.58 -9.01 21.75
CA ILE B 143 -24.79 -8.44 23.08
C ILE B 143 -23.56 -8.89 23.89
N ASP B 144 -22.65 -9.57 23.19
CA ASP B 144 -21.40 -10.08 23.76
C ASP B 144 -20.19 -9.56 22.97
N GLN B 145 -20.24 -9.74 21.65
CA GLN B 145 -19.16 -9.30 20.78
C GLN B 145 -19.40 -7.85 20.38
N LEU B 146 -20.64 -7.50 20.02
CA LEU B 146 -20.98 -6.13 19.65
C LEU B 146 -20.95 -5.26 20.90
N ASN B 147 -19.83 -5.33 21.62
CA ASN B 147 -19.60 -4.58 22.86
C ASN B 147 -18.45 -5.21 23.64
N PRO B 148 -18.02 -4.56 24.73
CA PRO B 148 -18.54 -3.30 25.29
C PRO B 148 -17.93 -2.03 24.66
N GLU B 149 -16.66 -1.80 24.95
CA GLU B 149 -15.92 -0.65 24.43
C GLU B 149 -15.41 -1.06 23.06
N SER B 150 -16.19 -1.93 22.42
CA SER B 150 -15.90 -2.46 21.11
C SER B 150 -17.10 -2.29 20.18
N ALA B 151 -18.29 -2.22 20.77
CA ALA B 151 -19.53 -2.03 20.01
C ALA B 151 -19.45 -0.67 19.34
N ASP B 152 -18.76 0.25 20.02
CA ASP B 152 -18.57 1.62 19.56
C ASP B 152 -17.64 1.68 18.37
N LEU B 153 -16.59 0.87 18.40
CA LEU B 153 -15.62 0.84 17.31
C LEU B 153 -16.32 0.52 16.00
N ARG B 154 -17.10 -0.55 16.00
CA ARG B 154 -17.80 -0.89 14.78
C ARG B 154 -18.84 0.17 14.46
N ALA B 155 -19.25 0.94 15.47
CA ALA B 155 -20.23 1.99 15.23
C ALA B 155 -19.55 3.17 14.55
N LEU B 156 -18.30 3.38 14.90
CA LEU B 156 -17.49 4.47 14.33
C LEU B 156 -17.20 4.11 12.87
N ALA B 157 -16.82 2.85 12.64
CA ALA B 157 -16.51 2.37 11.30
C ALA B 157 -17.69 2.59 10.39
N LYS B 158 -18.83 2.01 10.75
CA LYS B 158 -20.03 2.18 9.93
C LYS B 158 -20.23 3.66 9.61
N HIS B 159 -20.09 4.53 10.61
CA HIS B 159 -20.27 5.95 10.38
C HIS B 159 -19.38 6.47 9.25
N LEU B 160 -18.10 6.10 9.31
CA LEU B 160 -17.15 6.54 8.31
C LEU B 160 -17.37 5.89 6.95
N TYR B 161 -17.72 4.62 6.96
CA TYR B 161 -17.95 3.94 5.71
C TYR B 161 -19.11 4.64 5.01
N ASP B 162 -20.05 5.17 5.78
CA ASP B 162 -21.20 5.86 5.20
C ASP B 162 -20.84 7.26 4.77
N SER B 163 -19.99 7.92 5.54
CA SER B 163 -19.58 9.27 5.20
C SER B 163 -18.68 9.23 3.97
N TYR B 164 -17.99 8.11 3.80
CA TYR B 164 -17.10 7.93 2.67
C TYR B 164 -17.93 7.73 1.42
N ILE B 165 -18.97 6.90 1.50
CA ILE B 165 -19.83 6.64 0.35
C ILE B 165 -20.54 7.88 -0.20
N LYS B 166 -20.83 8.85 0.66
CA LYS B 166 -21.53 10.07 0.24
C LYS B 166 -20.58 11.18 -0.11
N SER B 167 -19.29 10.96 0.11
CA SER B 167 -18.28 11.96 -0.18
C SER B 167 -17.65 11.74 -1.56
N PHE B 168 -17.43 10.48 -1.91
CA PHE B 168 -16.81 10.14 -3.18
C PHE B 168 -17.70 9.39 -4.15
N PRO B 169 -17.69 9.80 -5.43
CA PRO B 169 -18.51 9.14 -6.43
C PRO B 169 -17.97 7.74 -6.78
N LEU B 170 -16.70 7.68 -7.19
CA LEU B 170 -16.08 6.42 -7.58
C LEU B 170 -15.32 5.68 -6.47
N THR B 171 -16.00 4.72 -5.85
CA THR B 171 -15.40 3.92 -4.80
C THR B 171 -14.68 2.70 -5.40
N LYS B 172 -13.86 2.04 -4.60
CA LYS B 172 -13.10 0.89 -5.08
C LYS B 172 -14.06 -0.18 -5.59
N ALA B 173 -15.25 -0.23 -5.01
CA ALA B 173 -16.25 -1.19 -5.42
C ALA B 173 -16.56 -0.97 -6.91
N LYS B 174 -17.14 0.19 -7.22
CA LYS B 174 -17.49 0.53 -8.60
C LYS B 174 -16.30 0.27 -9.51
N ALA B 175 -15.19 0.90 -9.19
CA ALA B 175 -13.96 0.78 -9.96
C ALA B 175 -13.54 -0.65 -10.28
N ARG B 176 -13.74 -1.58 -9.36
CA ARG B 176 -13.33 -2.95 -9.63
C ARG B 176 -14.28 -3.67 -10.56
N ALA B 177 -15.52 -3.20 -10.66
CA ALA B 177 -16.47 -3.84 -11.57
C ALA B 177 -16.08 -3.35 -12.95
N ILE B 178 -15.97 -2.03 -13.07
CA ILE B 178 -15.59 -1.42 -14.33
C ILE B 178 -14.31 -2.06 -14.83
N LEU B 179 -13.46 -2.48 -13.89
CA LEU B 179 -12.18 -3.10 -14.22
C LEU B 179 -12.25 -4.60 -14.47
N THR B 180 -13.09 -5.30 -13.71
CA THR B 180 -13.25 -6.76 -13.91
C THR B 180 -14.31 -6.97 -14.97
N GLY B 181 -14.82 -5.85 -15.49
CA GLY B 181 -15.83 -5.91 -16.53
C GLY B 181 -17.20 -6.43 -16.13
N LYS B 182 -17.33 -6.93 -14.90
CA LYS B 182 -18.63 -7.47 -14.44
C LYS B 182 -19.58 -6.34 -14.10
N THR B 183 -20.02 -5.62 -15.13
CA THR B 183 -20.94 -4.50 -14.95
C THR B 183 -21.83 -4.30 -16.17
N THR B 184 -22.93 -3.59 -15.97
CA THR B 184 -23.87 -3.32 -17.06
C THR B 184 -23.55 -1.97 -17.70
N ASP B 185 -22.26 -1.75 -17.99
CA ASP B 185 -21.78 -0.51 -18.59
C ASP B 185 -21.01 -0.76 -19.90
N LYS B 186 -20.57 0.33 -20.54
CA LYS B 186 -19.81 0.22 -21.77
C LYS B 186 -18.33 0.25 -21.39
N SER B 187 -17.52 -0.61 -22.01
CA SER B 187 -16.09 -0.68 -21.71
C SER B 187 -15.43 0.69 -21.86
N PRO B 188 -14.76 1.19 -20.79
CA PRO B 188 -14.09 2.49 -20.78
C PRO B 188 -13.36 2.79 -22.08
N PHE B 189 -13.42 4.02 -22.57
CA PHE B 189 -12.74 4.32 -23.81
C PHE B 189 -11.23 4.35 -23.61
N VAL B 190 -10.56 3.26 -24.00
CA VAL B 190 -9.11 3.15 -23.86
C VAL B 190 -8.39 4.28 -24.59
N ILE B 191 -7.28 4.74 -24.01
CA ILE B 191 -6.49 5.85 -24.57
C ILE B 191 -5.01 5.51 -24.58
N TYR B 192 -4.56 4.83 -25.63
CA TYR B 192 -3.16 4.42 -25.70
C TYR B 192 -2.24 5.22 -26.61
N ASP B 193 -2.70 6.39 -27.06
CA ASP B 193 -1.90 7.25 -27.94
C ASP B 193 -2.65 8.49 -28.42
N MET B 194 -1.97 9.31 -29.21
CA MET B 194 -2.53 10.55 -29.76
C MET B 194 -3.89 10.34 -30.38
N ASN B 195 -3.97 9.37 -31.28
CA ASN B 195 -5.21 9.03 -31.97
C ASN B 195 -6.36 8.97 -30.99
N SER B 196 -6.24 8.06 -30.01
CA SER B 196 -7.27 7.89 -29.00
C SER B 196 -7.44 9.12 -28.12
N LEU B 197 -6.33 9.76 -27.75
CA LEU B 197 -6.43 10.96 -26.92
C LEU B 197 -7.18 12.04 -27.67
N MET B 198 -6.78 12.27 -28.92
CA MET B 198 -7.42 13.27 -29.78
C MET B 198 -8.94 13.18 -29.66
N MET B 199 -9.42 11.99 -29.30
CA MET B 199 -10.86 11.77 -29.13
C MET B 199 -11.29 12.03 -27.70
N GLY B 200 -10.95 13.22 -27.19
CA GLY B 200 -11.32 13.58 -25.83
C GLY B 200 -12.80 13.90 -25.72
N GLU B 201 -13.34 14.51 -26.77
CA GLU B 201 -14.77 14.87 -26.80
C GLU B 201 -15.60 13.87 -27.60
N GLU B 218 3.41 19.92 -25.18
CA GLU B 218 2.16 20.62 -24.92
C GLU B 218 1.01 19.64 -24.66
N VAL B 219 1.07 18.43 -25.23
CA VAL B 219 0.03 17.42 -25.01
C VAL B 219 0.34 16.83 -23.64
N ALA B 220 1.64 16.65 -23.40
CA ALA B 220 2.10 16.12 -22.15
C ALA B 220 1.55 17.03 -21.07
N ILE B 221 1.44 18.31 -21.42
CA ILE B 221 0.92 19.31 -20.51
C ILE B 221 -0.60 19.28 -20.42
N ARG B 222 -1.27 19.05 -21.54
CA ARG B 222 -2.71 18.99 -21.48
C ARG B 222 -3.06 17.95 -20.42
N ILE B 223 -2.38 16.80 -20.49
CA ILE B 223 -2.61 15.71 -19.55
C ILE B 223 -2.19 16.06 -18.14
N PHE B 224 -0.99 16.62 -17.99
CA PHE B 224 -0.50 16.99 -16.66
C PHE B 224 -1.50 17.85 -15.92
N GLN B 225 -1.92 18.93 -16.55
CA GLN B 225 -2.87 19.85 -15.96
C GLN B 225 -4.27 19.25 -15.99
N GLY B 226 -4.40 18.08 -16.58
CA GLY B 226 -5.69 17.43 -16.60
C GLY B 226 -5.86 16.80 -15.24
N CYS B 227 -4.72 16.54 -14.60
CA CYS B 227 -4.67 15.95 -13.26
C CYS B 227 -4.90 17.03 -12.22
N GLN B 228 -4.05 18.05 -12.24
CA GLN B 228 -4.17 19.18 -11.32
C GLN B 228 -5.63 19.55 -11.20
N PHE B 229 -6.36 19.45 -12.30
CA PHE B 229 -7.76 19.79 -12.30
C PHE B 229 -8.51 18.83 -11.41
N ARG B 230 -8.25 17.53 -11.58
CA ARG B 230 -8.91 16.52 -10.77
C ARG B 230 -8.71 16.82 -9.29
N SER B 231 -7.47 16.82 -8.83
CA SER B 231 -7.12 17.11 -7.43
C SER B 231 -8.06 18.09 -6.81
N VAL B 232 -8.13 19.27 -7.41
CA VAL B 232 -9.01 20.31 -6.93
C VAL B 232 -10.37 19.72 -6.59
N GLU B 233 -10.95 18.97 -7.51
CA GLU B 233 -12.26 18.38 -7.26
C GLU B 233 -12.23 17.43 -6.08
N ALA B 234 -11.21 16.59 -6.03
CA ALA B 234 -11.07 15.62 -4.95
C ALA B 234 -10.90 16.33 -3.62
N VAL B 235 -10.04 17.34 -3.62
CA VAL B 235 -9.79 18.10 -2.43
C VAL B 235 -11.08 18.60 -1.79
N GLN B 236 -12.01 19.07 -2.62
CA GLN B 236 -13.29 19.55 -2.12
C GLN B 236 -14.06 18.40 -1.48
N GLU B 237 -13.87 17.20 -2.03
CA GLU B 237 -14.55 16.01 -1.54
C GLU B 237 -13.94 15.50 -0.24
N ILE B 238 -12.62 15.39 -0.23
CA ILE B 238 -11.92 14.93 0.96
C ILE B 238 -12.34 15.83 2.10
N THR B 239 -12.28 17.13 1.83
CA THR B 239 -12.63 18.16 2.80
C THR B 239 -13.92 17.85 3.55
N GLU B 240 -15.01 17.60 2.83
CA GLU B 240 -16.28 17.32 3.48
C GLU B 240 -16.22 15.99 4.24
N TYR B 241 -15.42 15.06 3.73
CA TYR B 241 -15.28 13.80 4.41
C TYR B 241 -14.65 14.10 5.77
N ALA B 242 -13.60 14.93 5.78
CA ALA B 242 -12.93 15.28 7.03
C ALA B 242 -13.90 15.88 8.04
N LYS B 243 -14.79 16.76 7.56
CA LYS B 243 -15.78 17.41 8.40
C LYS B 243 -16.88 16.47 8.87
N SER B 244 -16.55 15.20 9.00
CA SER B 244 -17.52 14.22 9.48
C SER B 244 -16.76 13.17 10.26
N ILE B 245 -15.52 13.50 10.60
CA ILE B 245 -14.68 12.63 11.40
C ILE B 245 -14.85 13.12 12.82
N PRO B 246 -15.46 12.31 13.70
CA PRO B 246 -15.72 12.61 15.12
C PRO B 246 -14.70 13.50 15.84
N GLY B 247 -14.91 14.82 15.77
CA GLY B 247 -14.02 15.75 16.45
C GLY B 247 -13.07 16.59 15.60
N PHE B 248 -13.20 16.47 14.28
CA PHE B 248 -12.32 17.21 13.39
C PHE B 248 -12.66 18.70 13.35
N VAL B 249 -13.93 19.03 13.55
CA VAL B 249 -14.33 20.42 13.53
C VAL B 249 -13.90 21.10 14.85
N ASN B 250 -13.99 20.35 15.94
CA ASN B 250 -13.64 20.84 17.26
C ASN B 250 -12.20 21.27 17.43
N LEU B 251 -11.34 20.77 16.55
CA LEU B 251 -9.92 21.10 16.60
C LEU B 251 -9.74 22.57 16.22
N ASP B 252 -8.62 23.15 16.62
CA ASP B 252 -8.33 24.55 16.30
C ASP B 252 -8.22 24.74 14.79
N LEU B 253 -9.09 25.57 14.22
CA LEU B 253 -9.11 25.85 12.78
C LEU B 253 -7.73 25.90 12.12
N ASN B 254 -6.71 26.30 12.86
CA ASN B 254 -5.37 26.37 12.31
C ASN B 254 -4.73 24.99 12.06
N ASP B 255 -5.11 24.02 12.86
CA ASP B 255 -4.59 22.67 12.70
C ASP B 255 -5.53 21.89 11.79
N GLN B 256 -6.79 22.35 11.73
CA GLN B 256 -7.82 21.74 10.87
C GLN B 256 -7.28 21.90 9.46
N VAL B 257 -6.77 23.10 9.19
CA VAL B 257 -6.18 23.46 7.91
C VAL B 257 -4.86 22.74 7.73
N THR B 258 -4.02 22.73 8.77
CA THR B 258 -2.74 22.05 8.67
C THR B 258 -2.95 20.59 8.31
N LEU B 259 -3.77 19.90 9.10
CA LEU B 259 -4.02 18.50 8.85
C LEU B 259 -4.44 18.17 7.42
N LEU B 260 -4.98 19.16 6.70
CA LEU B 260 -5.38 18.92 5.32
C LEU B 260 -4.31 19.29 4.31
N LYS B 261 -3.52 20.33 4.60
CA LYS B 261 -2.47 20.72 3.67
C LYS B 261 -1.62 19.50 3.43
N TYR B 262 -1.35 18.74 4.49
CA TYR B 262 -0.54 17.54 4.37
C TYR B 262 -1.34 16.27 4.08
N GLY B 263 -2.62 16.29 4.37
CA GLY B 263 -3.44 15.13 4.15
C GLY B 263 -3.77 14.81 2.71
N VAL B 264 -4.56 15.68 2.08
CA VAL B 264 -5.00 15.50 0.70
C VAL B 264 -4.08 14.67 -0.17
N HIS B 265 -2.83 15.03 -0.28
CA HIS B 265 -1.94 14.25 -1.12
C HIS B 265 -1.91 12.79 -0.78
N GLU B 266 -1.59 12.45 0.47
CA GLU B 266 -1.57 11.05 0.82
C GLU B 266 -2.94 10.45 0.53
N ILE B 267 -4.00 11.18 0.83
CA ILE B 267 -5.35 10.67 0.58
C ILE B 267 -5.58 10.33 -0.88
N ILE B 268 -5.11 11.20 -1.77
CA ILE B 268 -5.26 11.04 -3.21
C ILE B 268 -4.67 9.78 -3.80
N TYR B 269 -3.38 9.55 -3.57
CA TYR B 269 -2.72 8.38 -4.12
C TYR B 269 -3.34 7.09 -3.60
N THR B 270 -3.87 7.14 -2.39
CA THR B 270 -4.50 5.96 -1.81
C THR B 270 -5.75 5.69 -2.65
N MET B 271 -6.61 6.71 -2.77
CA MET B 271 -7.84 6.61 -3.55
C MET B 271 -7.50 6.25 -5.00
N LEU B 272 -6.66 7.08 -5.58
CA LEU B 272 -6.21 6.93 -6.95
C LEU B 272 -5.78 5.52 -7.26
N ALA B 273 -5.19 4.83 -6.30
CA ALA B 273 -4.75 3.46 -6.55
C ALA B 273 -5.93 2.50 -6.68
N SER B 274 -7.10 2.92 -6.24
CA SER B 274 -8.27 2.05 -6.34
C SER B 274 -8.63 1.83 -7.80
N LEU B 275 -8.55 2.89 -8.59
CA LEU B 275 -8.85 2.79 -10.01
C LEU B 275 -7.57 2.59 -10.83
N MET B 276 -6.74 1.64 -10.43
CA MET B 276 -5.50 1.37 -11.16
C MET B 276 -5.16 -0.11 -11.13
N ASN B 277 -4.61 -0.61 -12.22
CA ASN B 277 -4.17 -1.99 -12.26
C ASN B 277 -2.76 -1.94 -12.86
N LYS B 278 -2.09 -3.07 -13.01
CA LYS B 278 -0.73 -2.99 -13.52
C LYS B 278 -0.64 -2.24 -14.83
N ASP B 279 -1.64 -2.43 -15.70
CA ASP B 279 -1.67 -1.83 -17.03
C ASP B 279 -2.15 -0.38 -17.25
N GLY B 280 -3.13 0.10 -16.48
CA GLY B 280 -3.58 1.46 -16.70
C GLY B 280 -4.16 2.19 -15.51
N VAL B 281 -5.13 3.06 -15.79
CA VAL B 281 -5.82 3.86 -14.78
C VAL B 281 -7.11 4.47 -15.32
N LEU B 282 -8.18 4.37 -14.56
CA LEU B 282 -9.50 4.88 -14.94
C LEU B 282 -9.51 6.38 -14.85
N ILE B 283 -10.14 7.04 -15.80
CA ILE B 283 -10.19 8.48 -15.74
C ILE B 283 -11.60 8.97 -15.99
N SER B 284 -11.76 10.30 -15.95
CA SER B 284 -13.05 10.94 -16.18
C SER B 284 -14.36 10.26 -15.81
N GLU B 285 -14.52 10.00 -14.51
CA GLU B 285 -15.74 9.38 -13.97
C GLU B 285 -15.66 7.86 -14.08
N GLY B 286 -14.66 7.35 -14.81
CA GLY B 286 -14.52 5.93 -14.96
C GLY B 286 -15.05 5.45 -16.30
N GLN B 287 -15.20 6.40 -17.21
CA GLN B 287 -15.69 6.09 -18.55
C GLN B 287 -14.52 6.08 -19.51
N GLY B 288 -13.33 6.36 -18.97
CA GLY B 288 -12.13 6.36 -19.77
C GLY B 288 -11.01 5.63 -19.07
N PHE B 289 -10.08 5.09 -19.85
CA PHE B 289 -8.97 4.33 -19.31
C PHE B 289 -7.67 4.73 -20.03
N MET B 290 -6.64 5.15 -19.30
CA MET B 290 -5.38 5.54 -19.93
C MET B 290 -4.31 4.49 -19.65
N THR B 291 -3.68 3.97 -20.70
CA THR B 291 -2.67 2.94 -20.52
C THR B 291 -1.40 3.43 -19.82
N ARG B 292 -0.82 2.59 -18.98
CA ARG B 292 0.38 2.96 -18.28
C ARG B 292 1.47 3.21 -19.30
N GLU B 293 1.53 2.33 -20.30
CA GLU B 293 2.53 2.42 -21.35
C GLU B 293 2.47 3.76 -22.04
N PHE B 294 1.25 4.25 -22.23
CA PHE B 294 1.05 5.55 -22.85
C PHE B 294 1.73 6.63 -22.01
N LEU B 295 1.22 6.85 -20.79
CA LEU B 295 1.78 7.87 -19.91
C LEU B 295 3.29 7.75 -19.75
N LYS B 296 3.78 6.54 -19.50
CA LYS B 296 5.21 6.30 -19.31
C LYS B 296 6.06 6.94 -20.44
N SER B 297 5.45 7.14 -21.61
CA SER B 297 6.12 7.71 -22.76
C SER B 297 5.64 9.12 -23.13
N LEU B 298 6.17 10.12 -22.44
CA LEU B 298 5.81 11.51 -22.71
C LEU B 298 7.04 12.39 -22.73
N ARG B 299 6.82 13.68 -23.02
CA ARG B 299 7.90 14.66 -23.08
C ARG B 299 8.91 14.42 -21.97
N LYS B 300 10.19 14.38 -22.35
CA LYS B 300 11.30 14.15 -21.43
C LYS B 300 11.03 14.17 -19.92
N PRO B 301 10.54 15.30 -19.35
CA PRO B 301 10.28 15.32 -17.90
C PRO B 301 9.02 14.60 -17.35
N PHE B 302 7.96 14.57 -18.15
CA PHE B 302 6.69 13.95 -17.76
C PHE B 302 6.53 12.42 -17.93
N GLY B 303 7.58 11.74 -18.39
CA GLY B 303 7.50 10.30 -18.56
C GLY B 303 7.43 9.60 -17.23
N ASP B 304 8.41 9.87 -16.37
CA ASP B 304 8.49 9.26 -15.05
C ASP B 304 7.39 9.73 -14.08
N PHE B 305 6.86 10.92 -14.34
CA PHE B 305 5.80 11.51 -13.50
C PHE B 305 4.78 10.57 -12.86
N MET B 306 4.45 9.48 -13.54
CA MET B 306 3.44 8.57 -13.02
C MET B 306 3.91 7.19 -12.54
N GLU B 307 5.11 6.78 -12.93
CA GLU B 307 5.60 5.47 -12.53
C GLU B 307 5.48 5.20 -11.03
N PRO B 308 6.04 6.09 -10.20
CA PRO B 308 5.95 5.89 -8.75
C PRO B 308 4.51 5.62 -8.31
N LYS B 309 3.55 6.34 -8.88
CA LYS B 309 2.15 6.15 -8.52
C LYS B 309 1.71 4.75 -8.91
N PHE B 310 2.18 4.27 -10.05
CA PHE B 310 1.81 2.94 -10.48
C PHE B 310 2.47 1.89 -9.62
N GLU B 311 3.76 2.08 -9.35
CA GLU B 311 4.48 1.13 -8.51
C GLU B 311 3.74 0.98 -7.18
N PHE B 312 3.48 2.12 -6.52
CA PHE B 312 2.76 2.15 -5.24
C PHE B 312 1.43 1.44 -5.33
N ALA B 313 0.65 1.79 -6.34
CA ALA B 313 -0.65 1.21 -6.55
C ALA B 313 -0.60 -0.32 -6.70
N VAL B 314 0.43 -0.83 -7.37
CA VAL B 314 0.53 -2.28 -7.51
C VAL B 314 0.72 -2.94 -6.15
N LYS B 315 1.55 -2.32 -5.32
CA LYS B 315 1.81 -2.86 -3.99
C LYS B 315 0.56 -2.70 -3.13
N PHE B 316 0.02 -1.48 -3.05
CA PHE B 316 -1.16 -1.21 -2.23
C PHE B 316 -2.35 -2.12 -2.54
N ASN B 317 -2.52 -2.44 -3.82
CA ASN B 317 -3.63 -3.28 -4.20
C ASN B 317 -3.50 -4.72 -3.75
N ALA B 318 -2.27 -5.21 -3.65
CA ALA B 318 -2.08 -6.59 -3.21
C ALA B 318 -2.77 -6.84 -1.89
N LEU B 319 -2.82 -5.82 -1.02
CA LEU B 319 -3.43 -5.97 0.30
C LEU B 319 -4.94 -6.28 0.23
N GLU B 320 -5.54 -6.01 -0.92
CA GLU B 320 -6.95 -6.27 -1.13
C GLU B 320 -7.85 -5.64 -0.07
N LEU B 321 -7.89 -4.32 0.02
CA LEU B 321 -8.74 -3.69 1.01
C LEU B 321 -10.05 -3.26 0.35
N ASP B 322 -11.17 -3.36 1.07
CA ASP B 322 -12.47 -2.95 0.53
C ASP B 322 -12.73 -1.48 0.87
N ASP B 323 -13.83 -0.93 0.39
CA ASP B 323 -14.09 0.47 0.69
C ASP B 323 -14.17 0.62 2.20
N SER B 324 -14.79 -0.36 2.86
CA SER B 324 -14.92 -0.35 4.32
C SER B 324 -13.59 -0.09 5.02
N ASP B 325 -12.54 -0.79 4.58
CA ASP B 325 -11.23 -0.62 5.17
C ASP B 325 -10.58 0.68 4.68
N LEU B 326 -10.79 1.02 3.41
CA LEU B 326 -10.21 2.27 2.91
C LEU B 326 -10.82 3.47 3.64
N ALA B 327 -12.10 3.38 3.94
CA ALA B 327 -12.79 4.47 4.61
C ALA B 327 -12.26 4.83 5.99
N ILE B 328 -11.66 3.89 6.71
CA ILE B 328 -11.11 4.24 8.03
C ILE B 328 -9.66 4.67 7.86
N PHE B 329 -8.92 3.94 7.03
CA PHE B 329 -7.50 4.23 6.78
C PHE B 329 -7.33 5.68 6.41
N ILE B 330 -8.19 6.16 5.51
CA ILE B 330 -8.16 7.55 5.06
C ILE B 330 -8.28 8.53 6.21
N ALA B 331 -9.20 8.26 7.15
CA ALA B 331 -9.37 9.15 8.29
C ALA B 331 -8.08 9.18 9.13
N VAL B 332 -7.46 8.02 9.27
CA VAL B 332 -6.22 7.93 10.02
C VAL B 332 -5.15 8.84 9.42
N ILE B 333 -5.15 9.03 8.10
CA ILE B 333 -4.13 9.87 7.50
C ILE B 333 -4.36 11.34 7.76
N ILE B 334 -5.59 11.79 7.63
CA ILE B 334 -5.89 13.20 7.86
C ILE B 334 -5.53 13.58 9.29
N LEU B 335 -5.71 12.65 10.21
CA LEU B 335 -5.41 12.87 11.63
C LEU B 335 -4.06 12.33 12.11
N SER B 336 -2.97 12.97 11.70
CA SER B 336 -1.63 12.53 12.11
C SER B 336 -0.90 13.63 12.86
N GLY B 337 -0.70 13.44 14.16
CA GLY B 337 -0.03 14.45 14.97
C GLY B 337 1.43 14.66 14.68
N ASP B 338 1.95 14.05 13.62
CA ASP B 338 3.35 14.23 13.28
C ASP B 338 3.52 15.21 12.12
N ARG B 339 2.57 16.14 12.01
CA ARG B 339 2.60 17.15 10.96
C ARG B 339 3.25 18.38 11.52
N PRO B 340 3.96 19.14 10.67
CA PRO B 340 4.63 20.37 11.11
C PRO B 340 3.65 21.53 11.28
N GLY B 341 3.87 22.37 12.29
CA GLY B 341 3.00 23.51 12.50
C GLY B 341 1.77 23.32 13.37
N LEU B 342 1.61 22.14 13.94
CA LEU B 342 0.47 21.87 14.79
C LEU B 342 0.66 22.52 16.15
N LEU B 343 -0.45 22.96 16.75
CA LEU B 343 -0.40 23.58 18.07
C LEU B 343 -0.84 22.56 19.13
N ASN B 344 -2.14 22.26 19.17
CA ASN B 344 -2.67 21.28 20.12
C ASN B 344 -2.48 19.90 19.49
N VAL B 345 -1.37 19.24 19.80
CA VAL B 345 -1.09 17.91 19.23
C VAL B 345 -1.84 16.82 19.99
N LYS B 346 -1.98 16.99 21.31
CA LYS B 346 -2.68 16.00 22.13
C LYS B 346 -4.09 15.73 21.63
N PRO B 347 -4.84 16.79 21.28
CA PRO B 347 -6.21 16.60 20.79
C PRO B 347 -6.18 15.68 19.58
N ILE B 348 -5.55 16.15 18.51
CA ILE B 348 -5.41 15.40 17.27
C ILE B 348 -5.05 13.94 17.56
N GLU B 349 -3.85 13.71 18.10
CA GLU B 349 -3.41 12.36 18.42
C GLU B 349 -4.54 11.57 19.06
N ASP B 350 -5.30 12.21 19.94
CA ASP B 350 -6.40 11.54 20.61
C ASP B 350 -7.37 10.88 19.63
N ILE B 351 -7.87 11.63 18.66
CA ILE B 351 -8.81 11.09 17.69
C ILE B 351 -8.15 9.94 16.91
N GLN B 352 -6.92 10.16 16.50
CA GLN B 352 -6.18 9.16 15.76
C GLN B 352 -6.14 7.83 16.51
N ASP B 353 -5.63 7.87 17.74
CA ASP B 353 -5.50 6.67 18.57
C ASP B 353 -6.76 5.81 18.58
N ASN B 354 -7.90 6.47 18.72
CA ASN B 354 -9.17 5.77 18.75
C ASN B 354 -9.55 5.28 17.35
N LEU B 355 -9.13 6.01 16.32
CA LEU B 355 -9.42 5.62 14.94
C LEU B 355 -8.56 4.41 14.58
N LEU B 356 -7.30 4.44 14.99
CA LEU B 356 -6.41 3.31 14.73
C LEU B 356 -6.95 2.08 15.42
N GLN B 357 -7.41 2.27 16.65
CA GLN B 357 -7.96 1.18 17.43
C GLN B 357 -9.21 0.61 16.77
N ALA B 358 -9.86 1.43 15.94
CA ALA B 358 -11.07 1.02 15.23
C ALA B 358 -10.72 0.29 13.93
N LEU B 359 -9.68 0.77 13.24
CA LEU B 359 -9.22 0.17 12.00
C LEU B 359 -8.61 -1.20 12.26
N GLU B 360 -7.93 -1.35 13.40
CA GLU B 360 -7.29 -2.62 13.75
C GLU B 360 -8.33 -3.74 13.85
N LEU B 361 -9.51 -3.40 14.35
CA LEU B 361 -10.58 -4.37 14.49
C LEU B 361 -11.31 -4.59 13.17
N GLN B 362 -11.37 -3.56 12.35
CA GLN B 362 -12.03 -3.67 11.06
C GLN B 362 -11.30 -4.68 10.20
N LEU B 363 -9.97 -4.67 10.28
CA LEU B 363 -9.13 -5.58 9.51
C LEU B 363 -9.18 -7.03 9.99
N LYS B 364 -9.18 -7.22 11.31
CA LYS B 364 -9.23 -8.57 11.88
C LYS B 364 -10.54 -9.28 11.55
N LEU B 365 -11.63 -8.53 11.46
CA LEU B 365 -12.94 -9.08 11.19
C LEU B 365 -13.24 -9.19 9.71
N ASN B 366 -12.48 -8.48 8.89
CA ASN B 366 -12.72 -8.52 7.46
C ASN B 366 -11.72 -9.42 6.79
N HIS B 367 -10.56 -9.57 7.40
CA HIS B 367 -9.49 -10.39 6.85
C HIS B 367 -8.94 -11.28 7.94
N PRO B 368 -9.79 -12.10 8.55
CA PRO B 368 -9.37 -12.99 9.63
C PRO B 368 -8.01 -13.64 9.48
N GLU B 369 -7.64 -14.00 8.25
CA GLU B 369 -6.37 -14.69 8.03
C GLU B 369 -5.22 -13.92 7.40
N SER B 370 -5.37 -12.60 7.27
CA SER B 370 -4.30 -11.78 6.70
C SER B 370 -3.28 -11.48 7.81
N SER B 371 -2.13 -12.13 7.74
CA SER B 371 -1.08 -11.99 8.73
C SER B 371 -0.44 -10.62 8.77
N GLN B 372 -0.52 -9.97 9.91
CA GLN B 372 0.07 -8.65 10.11
C GLN B 372 -0.46 -7.58 9.16
N LEU B 373 -1.69 -7.76 8.66
CA LEU B 373 -2.25 -6.79 7.74
C LEU B 373 -2.23 -5.39 8.36
N PHE B 374 -2.71 -5.26 9.59
CA PHE B 374 -2.71 -3.95 10.24
C PHE B 374 -1.33 -3.32 10.23
N ALA B 375 -0.31 -4.12 10.52
CA ALA B 375 1.06 -3.62 10.53
C ALA B 375 1.49 -3.23 9.12
N LYS B 376 1.20 -4.08 8.15
CA LYS B 376 1.56 -3.86 6.74
C LYS B 376 0.83 -2.64 6.19
N LEU B 377 -0.42 -2.49 6.54
CA LEU B 377 -1.17 -1.33 6.08
C LEU B 377 -0.52 -0.05 6.58
N LEU B 378 -0.14 0.01 7.85
CA LEU B 378 0.48 1.23 8.38
C LEU B 378 1.86 1.47 7.79
N GLN B 379 2.43 0.47 7.14
CA GLN B 379 3.73 0.63 6.52
C GLN B 379 3.56 1.41 5.20
N LYS B 380 2.46 1.15 4.49
CA LYS B 380 2.18 1.84 3.24
C LYS B 380 2.19 3.33 3.50
N MET B 381 1.90 3.71 4.74
CA MET B 381 1.87 5.11 5.14
C MET B 381 3.20 5.82 5.02
N THR B 382 4.31 5.07 5.08
CA THR B 382 5.61 5.72 4.95
C THR B 382 5.96 5.81 3.47
N ASP B 383 5.29 5.00 2.66
CA ASP B 383 5.53 5.00 1.24
C ASP B 383 4.73 6.12 0.61
N LEU B 384 3.66 6.52 1.28
CA LEU B 384 2.87 7.62 0.77
C LEU B 384 3.74 8.86 0.88
N ARG B 385 4.19 9.19 2.09
CA ARG B 385 5.06 10.36 2.26
C ARG B 385 6.14 10.20 1.20
N GLN B 386 6.72 9.00 1.16
CA GLN B 386 7.76 8.64 0.21
C GLN B 386 7.44 9.22 -1.16
N ILE B 387 6.25 8.93 -1.69
CA ILE B 387 5.85 9.46 -3.00
C ILE B 387 5.80 10.98 -2.94
N VAL B 388 4.78 11.47 -2.25
CA VAL B 388 4.53 12.89 -2.11
C VAL B 388 5.76 13.78 -2.09
N THR B 389 6.71 13.55 -1.20
CA THR B 389 7.89 14.43 -1.23
C THR B 389 8.64 14.28 -2.55
N GLU B 390 8.69 13.06 -3.08
CA GLU B 390 9.36 12.78 -4.35
C GLU B 390 8.61 13.44 -5.51
N HIS B 391 7.31 13.58 -5.37
CA HIS B 391 6.50 14.21 -6.40
C HIS B 391 6.83 15.68 -6.43
N VAL B 392 6.88 16.27 -5.24
CA VAL B 392 7.17 17.70 -5.07
C VAL B 392 8.50 18.06 -5.69
N GLN B 393 9.42 17.10 -5.70
CA GLN B 393 10.72 17.33 -6.27
C GLN B 393 10.56 17.54 -7.77
N LEU B 394 9.82 16.64 -8.41
CA LEU B 394 9.60 16.76 -9.85
C LEU B 394 8.86 18.06 -10.16
N LEU B 395 7.80 18.31 -9.38
CA LEU B 395 7.00 19.51 -9.56
C LEU B 395 7.90 20.73 -9.41
N GLN B 396 9.00 20.55 -8.67
CA GLN B 396 9.97 21.62 -8.46
C GLN B 396 10.76 21.76 -9.74
N VAL B 397 11.29 20.65 -10.23
CA VAL B 397 12.05 20.64 -11.47
C VAL B 397 11.31 21.39 -12.56
N ILE B 398 10.06 21.03 -12.80
CA ILE B 398 9.27 21.68 -13.82
C ILE B 398 9.43 23.20 -13.85
N LYS B 399 9.41 23.84 -12.68
CA LYS B 399 9.56 25.29 -12.62
C LYS B 399 10.75 25.80 -13.43
N LYS B 400 11.71 24.93 -13.73
CA LYS B 400 12.88 25.33 -14.49
C LYS B 400 12.73 25.02 -15.98
N THR B 401 12.77 23.74 -16.33
CA THR B 401 12.65 23.33 -17.73
C THR B 401 11.26 23.57 -18.35
N GLU B 402 10.72 24.77 -18.13
CA GLU B 402 9.42 25.17 -18.64
C GLU B 402 9.08 26.52 -18.02
N THR B 403 8.28 27.34 -18.71
CA THR B 403 7.93 28.67 -18.19
C THR B 403 6.44 28.92 -17.94
N ASP B 404 5.58 28.01 -18.37
CA ASP B 404 4.14 28.16 -18.16
C ASP B 404 3.58 27.27 -17.05
N MET B 405 3.67 27.78 -15.82
CA MET B 405 3.21 27.08 -14.62
C MET B 405 1.85 27.61 -14.17
N SER B 406 0.84 27.43 -15.00
CA SER B 406 -0.51 27.89 -14.70
C SER B 406 -1.17 26.96 -13.69
N LEU B 407 -0.40 26.47 -12.72
CA LEU B 407 -0.92 25.55 -11.72
C LEU B 407 -2.02 26.28 -10.96
N HIS B 408 -3.17 25.61 -10.83
CA HIS B 408 -4.35 26.12 -10.15
C HIS B 408 -4.01 26.79 -8.82
N PRO B 409 -4.74 27.87 -8.45
CA PRO B 409 -4.50 28.59 -7.20
C PRO B 409 -4.79 27.80 -5.92
N LEU B 410 -5.61 26.75 -6.00
CA LEU B 410 -5.90 25.93 -4.82
C LEU B 410 -4.71 25.05 -4.57
N LEU B 411 -4.15 24.52 -5.64
CA LEU B 411 -2.97 23.67 -5.55
C LEU B 411 -1.80 24.51 -5.06
N GLN B 412 -1.87 25.81 -5.34
CA GLN B 412 -0.83 26.75 -4.92
C GLN B 412 -0.74 26.77 -3.40
N GLU B 413 -1.87 26.97 -2.72
CA GLU B 413 -1.91 26.98 -1.26
C GLU B 413 -1.24 25.68 -0.82
N ILE B 414 -1.98 24.59 -0.91
CA ILE B 414 -1.45 23.29 -0.53
C ILE B 414 0.04 23.10 -0.81
N TYR B 415 0.42 23.13 -2.09
CA TYR B 415 1.81 22.92 -2.50
C TYR B 415 2.95 23.80 -2.01
N LYS B 416 2.71 25.11 -1.85
CA LYS B 416 3.77 26.00 -1.42
C LYS B 416 4.02 25.90 0.09
N ASP B 417 5.28 25.66 0.44
CA ASP B 417 5.74 25.53 1.82
C ASP B 417 5.75 24.08 2.31
N LEU B 418 5.10 23.20 1.56
CA LEU B 418 5.04 21.78 1.90
C LEU B 418 6.48 21.27 1.93
N TYR B 419 6.84 20.50 2.96
CA TYR B 419 8.21 20.00 3.06
C TYR B 419 8.80 19.50 1.74
N LYS E 4 32.10 -1.34 -3.36
CA LYS E 4 33.53 -1.64 -3.10
C LYS E 4 33.79 -1.70 -1.59
N ILE E 5 33.45 -0.64 -0.87
CA ILE E 5 33.64 -0.56 0.59
C ILE E 5 32.61 -1.43 1.32
N LEU E 6 31.35 -1.14 1.04
CA LEU E 6 30.24 -1.87 1.64
C LEU E 6 30.47 -3.36 1.36
N HIS E 7 30.90 -3.65 0.14
CA HIS E 7 31.16 -5.02 -0.27
C HIS E 7 32.31 -5.62 0.53
N ARG E 8 33.34 -4.81 0.81
CA ARG E 8 34.48 -5.29 1.57
C ARG E 8 34.08 -5.64 2.99
N LEU E 9 33.69 -4.61 3.76
CA LEU E 9 33.29 -4.82 5.14
C LEU E 9 32.35 -6.02 5.27
N LEU E 10 31.52 -6.21 4.24
CA LEU E 10 30.57 -7.32 4.23
C LEU E 10 31.26 -8.62 3.83
N GLN E 11 32.27 -8.52 2.96
CA GLN E 11 33.01 -9.68 2.48
C GLN E 11 33.27 -10.72 3.56
N ASP E 12 33.88 -10.28 4.67
CA ASP E 12 34.20 -11.17 5.78
C ASP E 12 32.97 -11.56 6.61
N LYS F 4 -5.42 28.72 3.40
CA LYS F 4 -5.98 30.10 3.37
C LYS F 4 -7.02 30.30 2.24
N ILE F 5 -7.36 29.19 1.59
CA ILE F 5 -8.37 29.14 0.52
C ILE F 5 -9.17 27.96 1.02
N LEU F 6 -8.47 27.15 1.79
CA LEU F 6 -9.00 25.95 2.43
C LEU F 6 -9.85 26.42 3.60
N HIS F 7 -9.42 27.53 4.21
CA HIS F 7 -10.15 28.08 5.35
C HIS F 7 -11.60 28.22 4.94
N ARG F 8 -11.83 28.49 3.67
CA ARG F 8 -13.18 28.65 3.16
C ARG F 8 -13.98 27.35 3.09
N LEU F 9 -13.33 26.25 2.69
CA LEU F 9 -14.04 24.98 2.59
C LEU F 9 -14.26 24.32 3.94
N LEU F 10 -13.46 24.71 4.93
CA LEU F 10 -13.60 24.16 6.27
C LEU F 10 -14.67 24.93 7.04
N GLN F 11 -14.92 26.16 6.61
CA GLN F 11 -15.90 27.01 7.28
C GLN F 11 -17.24 27.14 6.55
N ASP F 12 -17.46 26.38 5.49
CA ASP F 12 -18.72 26.45 4.76
C ASP F 12 -19.25 25.04 4.44
N SER F 13 -20.43 24.71 5.00
CA SER F 13 -21.05 23.39 4.77
C SER F 13 -22.42 23.49 4.11
C1 9CR G . 22.33 17.50 7.04
C2 9CR G . 22.28 18.81 8.02
C3 9CR G . 21.73 18.63 9.51
C4 9CR G . 20.57 17.64 9.60
C5 9CR G . 20.92 16.20 9.03
C6 9CR G . 21.76 16.08 7.79
C7 9CR G . 22.15 14.83 7.14
C8 9CR G . 23.02 13.80 7.42
C9 9CR G . 23.03 12.41 7.11
C10 9CR G . 23.42 11.45 8.09
C11 9CR G . 23.83 11.74 9.39
C12 9CR G . 24.19 10.73 10.28
C13 9CR G . 24.62 10.91 11.63
C14 9CR G . 24.91 9.74 12.31
C15 9CR G . 25.36 9.51 13.76
C16 9CR G . 23.92 17.33 6.79
C17 9CR G . 21.79 17.87 5.69
C18 9CR G . 20.31 15.07 9.85
C19 9CR G . 22.62 11.84 5.76
C20 9CR G . 24.73 12.33 12.33
O1 9CR G . 24.59 8.94 14.54
O2 9CR G . 26.49 9.92 14.13
ZN ZN H . -6.40 -12.73 -32.29
ZN ZN I . 7.07 -4.13 -31.23
S1 BRL J . -1.22 16.42 -10.07
O2 BRL J . 0.58 18.33 -9.94
O4 BRL J . -1.71 17.09 -6.30
O13 BRL J . -4.03 10.68 -11.86
N3 BRL J . -0.45 17.87 -8.01
N16 BRL J . -4.71 10.56 -14.76
N18 BRL J . -6.82 11.88 -15.47
C2 BRL J . -0.25 17.68 -9.31
C4 BRL J . -1.38 17.06 -7.51
C5 BRL J . -2.01 16.07 -8.50
C6 BRL J . -1.74 14.55 -8.12
C7 BRL J . -2.37 13.56 -9.09
C8 BRL J . -3.81 13.59 -9.32
C9 BRL J . -4.41 12.66 -10.22
C10 BRL J . -3.57 11.67 -10.93
C11 BRL J . -2.14 11.67 -10.69
C12 BRL J . -1.55 12.61 -9.78
C14 BRL J . -5.41 10.68 -12.31
C15 BRL J . -5.46 9.90 -13.63
C16 BRL J . -3.25 10.21 -14.98
C17 BRL J . -5.44 11.58 -15.70
C19 BRL J . -7.51 12.78 -16.28
C20 BRL J . -6.88 13.45 -17.37
C21 BRL J . -5.49 13.17 -17.65
C22 BRL J . -4.77 12.24 -16.83
ZN ZN K . -20.18 -20.80 -1.89
ZN ZN L . -7.06 -29.47 -0.62
#